data_6CTC
#
_entry.id   6CTC
#
_cell.length_a   74.370
_cell.length_b   90.160
_cell.length_c   110.430
_cell.angle_alpha   90.000
_cell.angle_beta   90.000
_cell.angle_gamma   90.000
#
_symmetry.space_group_name_H-M   'P 21 21 21'
#
loop_
_entity.id
_entity.type
_entity.pdbx_description
1 polymer Serotransferrin
2 non-polymer 'FE (III) ION'
3 non-polymer 'CARBONATE ION'
4 non-polymer 'PYROPHOSPHATE 2-'
5 water water
#
_entity_poly.entity_id   1
_entity_poly.type   'polypeptide(L)'
_entity_poly.pdbx_seq_one_letter_code
;VPDKTVRWCAVSEHEATKCQSFRDHMKSVIPSDGPSVACVKKASYLDCIRAIAANEADAVTLDAGLVYDAYLAPNNLKPV
VAEFYGSKEDPQTFYYAVAVVKKDSGFQMNQLRGKKSCHTGLGRSAGWNIPIGLLYCDLPEPRKPLEKAVANFFSGSCAP
CADGTDFPQLCQLCPGCGCSTLNQYFGYSGAFKCLKDGAGDVAFVKHSTIFENLANKADRDQYELLCLDNTRKPVDEYKD
CHLAQVPSHTVVARSMGGKEDLIWELLNQAQEHFGKDKSKEFQLFSSPHGKDLLFKDSAHGFLKVPPRMDAKMYLGYEYV
TAIRNLREGTCPEAPTDECKPVKWCALSHHERLKCDEWSVNSVGKIECVSAETTEDCIAKIMNGEADAMSLDGGFVYIAG
KCGLVPVLAENYNKSDNCEDTPEAGYFAIAVVKKSASDLTWDNLKGKKSCHTAVGRTAGWNIPMGLLYNKINHCRFDEFF
SEGCAPGSKKDSSLCKLCMGSGLNLCEPNNKEGYYGYTGAFRCLVEKGDVAFVKHQTVPQNTGGKNPDPWAKNLNEKDYE
LLCLDGTRKPVEEYANCHLARAPNHAVVTRKDKEACVHKILRQQQHLFGSNVTDCSGNFCLFRSETKDLLFRDDTVCLAK
LHDRNTYEKYLGEEYVKAVGNLRKCSTSSLLEACTFRRP
;
_entity_poly.pdbx_strand_id   A
#
loop_
_chem_comp.id
_chem_comp.type
_chem_comp.name
_chem_comp.formula
CO3 non-polymer 'CARBONATE ION' 'C O3 -2'
FE non-polymer 'FE (III) ION' 'Fe 3'
POP non-polymer 'PYROPHOSPHATE 2-' 'H2 O7 P2 -2'
#
# COMPACT_ATOMS: atom_id res chain seq x y z
N ASP A 3 25.92 -14.30 -13.89
CA ASP A 3 26.92 -13.48 -14.57
C ASP A 3 27.67 -12.59 -13.59
N LYS A 4 26.90 -11.99 -12.67
CA LYS A 4 27.35 -11.06 -11.64
C LYS A 4 27.87 -9.73 -12.19
N THR A 5 27.59 -9.41 -13.47
CA THR A 5 27.89 -8.08 -14.00
C THR A 5 26.61 -7.28 -14.20
N VAL A 6 26.56 -6.12 -13.56
CA VAL A 6 25.46 -5.17 -13.73
C VAL A 6 25.83 -4.23 -14.87
N ARG A 7 24.99 -4.17 -15.89
CA ARG A 7 25.23 -3.21 -16.98
C ARG A 7 24.50 -1.91 -16.69
N TRP A 8 25.24 -0.94 -16.15
CA TRP A 8 24.67 0.36 -15.90
C TRP A 8 24.55 1.13 -17.20
N CYS A 9 23.57 2.04 -17.24
CA CYS A 9 23.27 2.81 -18.42
C CYS A 9 23.51 4.28 -18.11
N ALA A 10 24.37 4.90 -18.91
CA ALA A 10 24.66 6.31 -18.81
C ALA A 10 24.03 7.04 -19.99
N VAL A 11 23.80 8.34 -19.80
CA VAL A 11 23.13 9.16 -20.79
C VAL A 11 24.11 10.06 -21.54
N SER A 12 25.15 10.55 -20.85
CA SER A 12 26.10 11.48 -21.43
C SER A 12 27.50 10.87 -21.45
N GLU A 13 28.38 11.48 -22.24
CA GLU A 13 29.78 11.08 -22.19
C GLU A 13 30.32 11.27 -20.78
N HIS A 14 29.82 12.27 -20.06
CA HIS A 14 30.22 12.46 -18.66
C HIS A 14 29.79 11.29 -17.79
N GLU A 15 28.50 10.93 -17.83
CA GLU A 15 28.04 9.77 -17.08
C GLU A 15 28.82 8.51 -17.47
N ALA A 16 29.16 8.37 -18.76
CA ALA A 16 29.90 7.18 -19.18
C ALA A 16 31.32 7.19 -18.64
N THR A 17 31.89 8.38 -18.49
CA THR A 17 33.20 8.53 -17.87
C THR A 17 33.12 8.13 -16.40
N LYS A 18 32.19 8.75 -15.67
CA LYS A 18 31.99 8.41 -14.26
C LYS A 18 31.69 6.92 -14.10
N CYS A 19 30.87 6.35 -14.97
CA CYS A 19 30.55 4.94 -14.88
C CYS A 19 31.79 4.07 -15.04
N GLN A 20 32.68 4.43 -15.97
CA GLN A 20 33.90 3.63 -16.17
C GLN A 20 34.80 3.70 -14.94
N SER A 21 34.98 4.90 -14.39
CA SER A 21 35.65 5.06 -13.12
C SER A 21 34.99 4.21 -12.04
N PHE A 22 33.65 4.18 -12.01
CA PHE A 22 32.90 3.36 -11.06
C PHE A 22 33.26 1.87 -11.20
N ARG A 23 33.32 1.37 -12.44
CA ARG A 23 33.72 -0.02 -12.66
C ARG A 23 35.16 -0.26 -12.18
N ASP A 24 36.08 0.64 -12.52
CA ASP A 24 37.48 0.46 -12.17
C ASP A 24 37.68 0.40 -10.66
N HIS A 25 37.13 1.37 -9.94
CA HIS A 25 37.32 1.39 -8.48
C HIS A 25 36.59 0.23 -7.79
N MET A 26 35.53 -0.32 -8.39
CA MET A 26 34.90 -1.50 -7.83
C MET A 26 35.74 -2.74 -8.09
N LYS A 27 36.32 -2.85 -9.29
CA LYS A 27 37.17 -3.99 -9.62
C LYS A 27 38.40 -4.05 -8.73
N SER A 28 38.75 -2.92 -8.09
CA SER A 28 39.90 -2.85 -7.20
C SER A 28 39.59 -3.22 -5.75
N VAL A 29 38.32 -3.14 -5.31
CA VAL A 29 37.98 -3.48 -3.94
C VAL A 29 37.02 -4.65 -3.82
N ILE A 30 36.35 -5.08 -4.87
CA ILE A 30 35.40 -6.18 -4.81
C ILE A 30 36.09 -7.42 -5.34
N PRO A 31 35.96 -8.58 -4.68
CA PRO A 31 36.64 -9.77 -5.16
C PRO A 31 35.92 -10.34 -6.38
N SER A 32 36.59 -11.30 -7.04
CA SER A 32 36.08 -11.82 -8.30
C SER A 32 34.68 -12.41 -8.16
N ASP A 33 34.37 -12.96 -6.98
CA ASP A 33 33.05 -13.50 -6.67
C ASP A 33 32.05 -12.42 -6.29
N GLY A 34 32.45 -11.15 -6.31
CA GLY A 34 31.54 -10.07 -6.01
C GLY A 34 30.91 -9.49 -7.26
N PRO A 35 30.12 -8.44 -7.08
CA PRO A 35 29.48 -7.77 -8.22
C PRO A 35 30.46 -6.86 -8.96
N SER A 36 30.16 -6.64 -10.24
CA SER A 36 30.93 -5.71 -11.06
C SER A 36 29.98 -4.81 -11.84
N VAL A 37 30.55 -3.84 -12.55
CA VAL A 37 29.81 -2.95 -13.42
C VAL A 37 30.31 -3.13 -14.84
N ALA A 38 29.40 -2.94 -15.79
CA ALA A 38 29.73 -2.64 -17.18
C ALA A 38 28.94 -1.41 -17.60
N CYS A 39 29.51 -0.63 -18.51
CA CYS A 39 29.01 0.69 -18.84
C CYS A 39 28.46 0.72 -20.27
N VAL A 40 27.18 1.05 -20.40
CA VAL A 40 26.50 1.19 -21.69
C VAL A 40 26.11 2.65 -21.85
N LYS A 41 26.63 3.30 -22.90
CA LYS A 41 26.28 4.69 -23.18
C LYS A 41 25.13 4.74 -24.18
N LYS A 42 24.05 5.38 -23.79
CA LYS A 42 22.92 5.63 -24.68
C LYS A 42 22.67 7.13 -24.72
N ALA A 43 21.73 7.53 -25.57
CA ALA A 43 21.62 8.94 -25.89
C ALA A 43 20.78 9.71 -24.88
N SER A 44 19.79 9.07 -24.26
CA SER A 44 18.79 9.75 -23.44
C SER A 44 18.26 8.79 -22.39
N TYR A 45 17.61 9.35 -21.35
CA TYR A 45 16.95 8.51 -20.35
C TYR A 45 15.96 7.56 -21.03
N LEU A 46 15.28 8.05 -22.07
CA LEU A 46 14.33 7.22 -22.80
C LEU A 46 15.03 6.05 -23.48
N ASP A 47 16.19 6.31 -24.13
CA ASP A 47 16.98 5.25 -24.75
C ASP A 47 17.50 4.25 -23.72
N CYS A 48 17.87 4.73 -22.54
CA CYS A 48 18.28 3.81 -21.49
C CYS A 48 17.15 2.89 -21.08
N ILE A 49 15.92 3.43 -21.00
CA ILE A 49 14.77 2.62 -20.60
C ILE A 49 14.56 1.47 -21.58
N ARG A 50 14.56 1.79 -22.88
CA ARG A 50 14.39 0.75 -23.89
C ARG A 50 15.53 -0.26 -23.82
N ALA A 51 16.78 0.23 -23.72
CA ALA A 51 17.91 -0.69 -23.69
C ALA A 51 17.82 -1.67 -22.53
N ILE A 52 17.30 -1.23 -21.39
CA ILE A 52 17.13 -2.17 -20.27
C ILE A 52 16.03 -3.17 -20.61
N ALA A 53 14.93 -2.69 -21.21
CA ALA A 53 13.84 -3.57 -21.59
C ALA A 53 14.32 -4.66 -22.53
N ALA A 54 15.11 -4.30 -23.56
CA ALA A 54 15.61 -5.23 -24.57
C ALA A 54 16.87 -6.03 -24.12
N ASN A 55 17.14 -6.10 -22.81
CA ASN A 55 18.29 -6.82 -22.27
C ASN A 55 19.63 -6.34 -22.84
N GLU A 56 19.67 -5.12 -23.41
CA GLU A 56 20.93 -4.48 -23.77
C GLU A 56 21.57 -3.77 -22.58
N ALA A 57 20.83 -3.55 -21.50
CA ALA A 57 21.38 -2.98 -20.27
C ALA A 57 20.58 -3.52 -19.09
N ASP A 58 20.85 -2.98 -17.89
CA ASP A 58 20.31 -3.54 -16.65
C ASP A 58 19.69 -2.49 -15.72
N ALA A 59 20.29 -1.31 -15.60
CA ALA A 59 19.99 -0.45 -14.47
C ALA A 59 20.18 0.99 -14.86
N VAL A 60 19.29 1.85 -14.35
CA VAL A 60 19.37 3.29 -14.52
C VAL A 60 18.57 3.93 -13.40
N THR A 61 19.05 5.07 -12.90
CA THR A 61 18.36 5.86 -11.91
C THR A 61 17.50 6.92 -12.59
N LEU A 62 16.27 7.09 -12.12
CA LEU A 62 15.30 7.94 -12.79
C LEU A 62 14.58 8.87 -11.81
N ASP A 63 14.24 10.05 -12.32
CA ASP A 63 13.21 10.88 -11.72
C ASP A 63 11.88 10.13 -11.76
N ALA A 64 10.94 10.61 -10.94
CA ALA A 64 9.66 9.94 -10.80
C ALA A 64 8.87 9.98 -12.10
N GLY A 65 9.02 11.05 -12.90
CA GLY A 65 8.31 11.13 -14.15
C GLY A 65 8.73 10.04 -15.11
N LEU A 66 10.03 9.73 -15.14
CA LEU A 66 10.52 8.66 -16.00
C LEU A 66 10.32 7.28 -15.36
N VAL A 67 10.24 7.21 -14.03
CA VAL A 67 9.82 5.96 -13.39
C VAL A 67 8.44 5.56 -13.87
N TYR A 68 7.55 6.54 -14.09
CA TYR A 68 6.24 6.21 -14.64
C TYR A 68 6.35 5.71 -16.08
N ASP A 69 6.99 6.50 -16.95
CA ASP A 69 7.14 6.10 -18.35
C ASP A 69 7.79 4.73 -18.45
N ALA A 70 8.82 4.48 -17.63
CA ALA A 70 9.52 3.20 -17.67
C ALA A 70 8.63 2.03 -17.26
N TYR A 71 7.53 2.30 -16.53
CA TYR A 71 6.63 1.22 -16.16
C TYR A 71 5.73 0.81 -17.32
N LEU A 72 5.37 1.75 -18.18
CA LEU A 72 4.36 1.52 -19.21
C LEU A 72 4.80 0.46 -20.21
N ALA A 73 3.80 -0.19 -20.81
CA ALA A 73 4.02 -1.04 -21.97
C ALA A 73 4.76 -0.26 -23.05
N PRO A 74 5.77 -0.85 -23.69
CA PRO A 74 6.20 -2.25 -23.52
C PRO A 74 7.43 -2.44 -22.62
N ASN A 75 7.85 -1.40 -21.90
CA ASN A 75 9.11 -1.48 -21.17
C ASN A 75 8.99 -2.31 -19.89
N ASN A 76 7.91 -2.09 -19.15
CA ASN A 76 7.60 -2.88 -17.97
C ASN A 76 8.80 -2.94 -17.03
N LEU A 77 9.43 -1.79 -16.85
CA LEU A 77 10.47 -1.72 -15.82
C LEU A 77 9.82 -1.47 -14.46
N LYS A 78 10.54 -1.82 -13.41
CA LYS A 78 10.06 -1.60 -12.06
C LYS A 78 11.15 -0.99 -11.19
N PRO A 79 10.78 -0.30 -10.12
CA PRO A 79 11.79 0.24 -9.21
C PRO A 79 12.39 -0.86 -8.34
N VAL A 80 13.72 -0.83 -8.16
CA VAL A 80 14.38 -1.88 -7.38
C VAL A 80 15.29 -1.34 -6.30
N VAL A 81 15.90 -0.18 -6.52
CA VAL A 81 16.80 0.41 -5.53
C VAL A 81 16.49 1.90 -5.44
N ALA A 82 16.57 2.43 -4.24
CA ALA A 82 16.16 3.78 -3.93
C ALA A 82 17.36 4.58 -3.42
N GLU A 83 17.52 5.80 -3.92
CA GLU A 83 18.45 6.72 -3.26
C GLU A 83 17.76 7.32 -2.04
N PHE A 84 18.51 7.51 -0.97
CA PHE A 84 17.97 8.21 0.19
C PHE A 84 18.92 9.35 0.53
N TYR A 85 18.41 10.27 1.37
CA TYR A 85 19.02 11.59 1.50
C TYR A 85 19.09 12.09 2.93
N GLY A 86 18.74 11.27 3.91
CA GLY A 86 18.92 11.71 5.29
C GLY A 86 20.08 11.00 5.97
N SER A 87 19.75 10.07 6.86
CA SER A 87 20.75 9.32 7.61
C SER A 87 20.33 7.85 7.61
N LYS A 88 21.24 6.99 8.04
CA LYS A 88 20.90 5.58 8.15
C LYS A 88 19.81 5.32 9.19
N GLU A 89 19.56 6.26 10.12
CA GLU A 89 18.51 6.12 11.12
C GLU A 89 17.27 6.96 10.80
N ASP A 90 17.26 7.70 9.70
CA ASP A 90 16.11 8.44 9.19
C ASP A 90 16.36 8.81 7.73
N PRO A 91 16.33 7.81 6.83
CA PRO A 91 16.68 8.05 5.42
C PRO A 91 15.50 8.50 4.60
N GLN A 92 15.65 9.55 3.80
CA GLN A 92 14.51 10.22 3.19
C GLN A 92 14.40 9.90 1.69
N THR A 93 13.72 8.80 1.40
CA THR A 93 13.56 8.32 0.02
C THR A 93 12.55 9.12 -0.79
N PHE A 94 11.52 9.65 -0.16
CA PHE A 94 10.46 10.34 -0.86
C PHE A 94 10.47 11.82 -0.48
N TYR A 95 10.03 12.64 -1.41
CA TYR A 95 9.56 13.96 -1.03
C TYR A 95 8.04 14.00 -1.17
N TYR A 96 7.46 15.10 -0.71
CA TYR A 96 6.02 15.34 -0.75
C TYR A 96 5.77 16.65 -1.49
N ALA A 97 5.03 16.57 -2.58
CA ALA A 97 4.56 17.77 -3.24
C ALA A 97 3.42 18.34 -2.41
N VAL A 98 3.55 19.61 -2.02
CA VAL A 98 2.59 20.25 -1.15
C VAL A 98 2.18 21.57 -1.75
N ALA A 99 1.02 22.05 -1.32
CA ALA A 99 0.49 23.36 -1.69
C ALA A 99 0.48 24.18 -0.39
N VAL A 100 1.47 25.03 -0.24
CA VAL A 100 1.62 25.75 1.00
C VAL A 100 1.04 27.14 0.82
N VAL A 101 0.28 27.59 1.83
CA VAL A 101 -0.35 28.89 1.81
C VAL A 101 -0.05 29.61 3.11
N LYS A 102 -0.52 30.85 3.19
CA LYS A 102 -0.46 31.59 4.43
C LYS A 102 -1.63 31.19 5.30
N LYS A 103 -1.37 31.03 6.60
CA LYS A 103 -2.44 30.82 7.56
C LYS A 103 -3.53 31.90 7.44
N ASP A 104 -4.78 31.43 7.47
CA ASP A 104 -5.97 32.28 7.56
C ASP A 104 -6.28 33.05 6.28
N SER A 105 -5.77 32.62 5.12
CA SER A 105 -6.03 33.35 3.89
C SER A 105 -7.37 32.99 3.27
N GLY A 106 -8.10 32.04 3.85
CA GLY A 106 -9.51 31.90 3.58
C GLY A 106 -9.92 31.10 2.37
N PHE A 107 -9.15 30.07 1.98
CA PHE A 107 -9.57 29.27 0.85
C PHE A 107 -8.97 27.87 0.90
N GLN A 108 -9.68 26.93 0.27
CA GLN A 108 -9.32 25.53 0.17
C GLN A 108 -8.78 25.20 -1.23
N MET A 109 -8.47 23.90 -1.41
CA MET A 109 -7.97 23.41 -2.70
C MET A 109 -9.00 23.62 -3.80
N ASN A 110 -10.27 23.42 -3.51
CA ASN A 110 -11.30 23.64 -4.50
C ASN A 110 -11.63 25.12 -4.68
N GLN A 111 -10.81 26.03 -4.13
CA GLN A 111 -10.99 27.45 -4.40
C GLN A 111 -9.74 28.09 -5.00
N LEU A 112 -8.89 27.30 -5.63
CA LEU A 112 -7.63 27.82 -6.12
C LEU A 112 -7.77 28.70 -7.35
N ARG A 113 -8.88 28.61 -8.08
CA ARG A 113 -9.04 29.38 -9.30
C ARG A 113 -9.17 30.86 -8.99
N GLY A 114 -8.43 31.69 -9.71
CA GLY A 114 -8.39 33.10 -9.44
C GLY A 114 -7.46 33.51 -8.33
N LYS A 115 -6.73 32.56 -7.73
CA LYS A 115 -5.65 32.89 -6.82
C LYS A 115 -4.38 33.20 -7.60
N LYS A 116 -3.36 33.68 -6.88
CA LYS A 116 -2.01 33.87 -7.40
C LYS A 116 -1.13 32.67 -7.02
N SER A 117 -0.54 32.02 -8.01
CA SER A 117 0.22 30.80 -7.78
C SER A 117 1.71 31.03 -7.99
N CYS A 118 2.54 30.44 -7.12
CA CYS A 118 3.99 30.46 -7.25
C CYS A 118 4.49 29.06 -7.63
N HIS A 119 5.16 28.95 -8.77
CA HIS A 119 5.65 27.68 -9.29
C HIS A 119 7.17 27.69 -9.32
N THR A 120 7.77 26.51 -9.15
CA THR A 120 9.23 26.40 -9.22
C THR A 120 9.74 26.63 -10.65
N GLY A 121 9.09 26.00 -11.63
CA GLY A 121 9.42 26.19 -13.03
C GLY A 121 8.47 25.44 -13.93
N LEU A 122 8.27 25.95 -15.14
CA LEU A 122 7.32 25.34 -16.06
C LEU A 122 7.78 23.95 -16.46
N GLY A 123 6.91 22.96 -16.29
CA GLY A 123 7.24 21.58 -16.56
C GLY A 123 7.91 20.85 -15.41
N ARG A 124 8.32 21.53 -14.36
CA ARG A 124 8.91 20.84 -13.23
C ARG A 124 7.86 20.00 -12.49
N SER A 125 8.33 19.15 -11.57
CA SER A 125 7.45 18.14 -10.96
C SER A 125 6.52 18.73 -9.90
N ALA A 126 7.03 18.97 -8.69
CA ALA A 126 6.21 19.40 -7.57
C ALA A 126 5.61 20.79 -7.78
N GLY A 127 6.25 21.61 -8.59
CA GLY A 127 5.79 22.95 -8.87
C GLY A 127 4.95 23.09 -10.10
N TRP A 128 4.65 21.99 -10.80
CA TRP A 128 3.82 22.10 -11.99
C TRP A 128 3.08 20.81 -12.33
N ASN A 129 3.81 19.78 -12.77
CA ASN A 129 3.17 18.58 -13.27
C ASN A 129 2.25 17.94 -12.23
N ILE A 130 2.60 18.04 -10.95
CA ILE A 130 1.76 17.42 -9.94
C ILE A 130 0.55 18.32 -9.64
N PRO A 131 0.72 19.58 -9.24
CA PRO A 131 -0.49 20.40 -8.98
C PRO A 131 -1.38 20.56 -10.20
N ILE A 132 -0.79 20.92 -11.35
CA ILE A 132 -1.56 21.05 -12.59
C ILE A 132 -2.14 19.71 -12.99
N GLY A 133 -1.43 18.61 -12.74
CA GLY A 133 -2.00 17.31 -13.00
C GLY A 133 -3.27 17.07 -12.20
N LEU A 134 -3.23 17.40 -10.91
CA LEU A 134 -4.42 17.20 -10.06
C LEU A 134 -5.54 18.16 -10.41
N LEU A 135 -5.22 19.32 -10.96
CA LEU A 135 -6.24 20.30 -11.31
C LEU A 135 -6.69 20.20 -12.74
N TYR A 136 -6.11 19.29 -13.52
CA TYR A 136 -6.29 19.28 -14.97
C TYR A 136 -7.76 19.42 -15.36
N CYS A 137 -8.63 18.64 -14.76
CA CYS A 137 -10.05 18.69 -15.11
C CYS A 137 -10.75 19.93 -14.57
N ASP A 138 -10.21 20.56 -13.51
CA ASP A 138 -10.68 21.87 -13.09
C ASP A 138 -10.27 23.00 -14.04
N LEU A 139 -9.34 22.74 -15.02
CA LEU A 139 -8.96 23.84 -15.89
C LEU A 139 -10.02 24.05 -16.96
N PRO A 140 -10.11 25.26 -17.52
CA PRO A 140 -11.14 25.54 -18.54
C PRO A 140 -10.71 25.02 -19.91
N GLU A 141 -11.64 24.35 -20.59
CA GLU A 141 -11.42 23.98 -21.98
C GLU A 141 -11.27 25.24 -22.84
N PRO A 142 -10.42 25.20 -23.88
CA PRO A 142 -9.57 24.06 -24.24
C PRO A 142 -8.36 23.95 -23.35
N ARG A 143 -8.03 22.73 -22.92
CA ARG A 143 -6.91 22.57 -22.00
C ARG A 143 -5.56 22.52 -22.70
N LYS A 144 -5.49 22.01 -23.95
CA LYS A 144 -4.23 22.26 -24.66
C LYS A 144 -4.34 23.57 -25.45
N PRO A 145 -3.33 24.46 -25.40
CA PRO A 145 -2.07 24.36 -24.66
C PRO A 145 -2.25 24.57 -23.18
N LEU A 146 -1.51 23.78 -22.39
CA LEU A 146 -1.73 23.72 -20.96
C LEU A 146 -1.50 25.07 -20.29
N GLU A 147 -0.42 25.75 -20.68
CA GLU A 147 -0.08 26.98 -19.98
C GLU A 147 -1.09 28.08 -20.25
N LYS A 148 -1.89 27.97 -21.30
CA LYS A 148 -2.96 28.95 -21.48
C LYS A 148 -4.11 28.65 -20.53
N ALA A 149 -4.50 27.38 -20.43
CA ALA A 149 -5.58 26.99 -19.53
C ALA A 149 -5.24 27.34 -18.09
N VAL A 150 -3.96 27.17 -17.72
CA VAL A 150 -3.48 27.48 -16.39
C VAL A 150 -3.53 28.98 -16.11
N ALA A 151 -3.10 29.81 -17.07
CA ALA A 151 -3.18 31.27 -16.93
C ALA A 151 -4.63 31.76 -16.84
N ASN A 152 -5.56 31.05 -17.51
CA ASN A 152 -6.98 31.35 -17.35
C ASN A 152 -7.56 30.80 -16.07
N PHE A 153 -6.74 30.11 -15.28
CA PHE A 153 -7.19 29.54 -14.03
C PHE A 153 -6.74 30.41 -12.86
N PHE A 154 -5.44 30.61 -12.72
CA PHE A 154 -4.93 31.51 -11.69
C PHE A 154 -5.01 32.94 -12.19
N SER A 155 -5.31 33.87 -11.28
CA SER A 155 -5.49 35.25 -11.71
C SER A 155 -4.18 35.83 -12.22
N GLY A 156 -3.07 35.43 -11.62
CA GLY A 156 -1.72 35.66 -12.10
C GLY A 156 -0.79 34.69 -11.41
N SER A 157 0.41 34.56 -11.96
CA SER A 157 1.33 33.54 -11.50
C SER A 157 2.78 34.03 -11.57
N CYS A 158 3.67 33.19 -11.01
CA CYS A 158 5.08 33.15 -11.40
C CYS A 158 5.35 31.73 -11.86
N ALA A 159 5.52 31.56 -13.17
CA ALA A 159 5.86 30.28 -13.80
C ALA A 159 7.19 30.42 -14.54
N PRO A 160 8.32 30.32 -13.84
CA PRO A 160 9.61 30.42 -14.50
C PRO A 160 9.72 29.49 -15.70
N CYS A 161 10.40 29.96 -16.74
CA CYS A 161 10.69 29.28 -18.00
C CYS A 161 9.51 29.24 -18.97
N ALA A 162 8.43 29.92 -18.65
CA ALA A 162 7.27 29.92 -19.53
C ALA A 162 7.41 31.05 -20.54
N ASP A 163 6.89 30.80 -21.75
CA ASP A 163 6.83 31.85 -22.75
C ASP A 163 5.97 32.99 -22.21
N GLY A 164 6.62 34.13 -21.91
CA GLY A 164 5.88 35.27 -21.40
C GLY A 164 4.95 35.87 -22.44
N THR A 165 5.48 36.14 -23.64
CA THR A 165 4.71 36.80 -24.68
C THR A 165 3.41 36.06 -24.98
N ASP A 166 3.50 34.72 -25.08
CA ASP A 166 2.33 33.90 -25.34
C ASP A 166 1.32 33.97 -24.20
N PHE A 167 1.76 33.60 -22.99
CA PHE A 167 0.89 33.45 -21.82
C PHE A 167 1.31 34.46 -20.77
N PRO A 168 0.95 35.75 -20.94
CA PRO A 168 1.51 36.80 -20.08
C PRO A 168 0.96 36.82 -18.67
N GLN A 169 -0.22 36.23 -18.43
CA GLN A 169 -0.72 36.18 -17.06
C GLN A 169 0.19 35.33 -16.17
N LEU A 170 0.94 34.39 -16.75
CA LEU A 170 1.80 33.46 -16.01
C LEU A 170 3.06 34.11 -15.45
N CYS A 171 3.32 35.37 -15.72
CA CYS A 171 4.54 36.01 -15.23
C CYS A 171 4.26 37.23 -14.35
N GLN A 172 3.00 37.50 -14.04
CA GLN A 172 2.59 38.64 -13.22
C GLN A 172 3.49 38.83 -12.00
N LEU A 173 3.88 37.71 -11.36
CA LEU A 173 4.64 37.77 -10.12
C LEU A 173 6.14 37.74 -10.33
N CYS A 174 6.61 37.28 -11.50
CA CYS A 174 8.00 37.39 -11.90
C CYS A 174 8.02 37.82 -13.35
N PRO A 175 7.96 39.13 -13.62
CA PRO A 175 7.77 39.61 -15.00
C PRO A 175 8.84 39.07 -15.94
N GLY A 176 8.40 38.54 -17.07
CA GLY A 176 9.28 37.90 -18.02
C GLY A 176 9.49 36.41 -17.81
N CYS A 177 9.38 35.93 -16.57
CA CYS A 177 9.46 34.52 -16.20
C CYS A 177 10.86 33.97 -16.39
N GLY A 178 11.83 34.55 -15.70
CA GLY A 178 13.21 34.14 -15.79
C GLY A 178 13.46 32.67 -15.49
N CYS A 179 14.05 31.95 -16.45
CA CYS A 179 14.42 30.56 -16.23
C CYS A 179 15.75 30.43 -15.51
N SER A 180 16.44 31.55 -15.27
CA SER A 180 17.63 31.56 -14.47
C SER A 180 17.28 31.90 -13.03
N THR A 181 18.24 31.62 -12.14
CA THR A 181 18.07 31.98 -10.75
C THR A 181 18.26 33.48 -10.49
N LEU A 182 18.51 34.28 -11.53
CA LEU A 182 18.47 35.73 -11.36
C LEU A 182 17.06 36.19 -11.01
N ASN A 183 16.05 35.41 -11.43
CA ASN A 183 14.69 35.58 -10.96
C ASN A 183 14.63 35.20 -9.48
N GLN A 184 14.25 36.17 -8.64
CA GLN A 184 14.21 35.94 -7.19
C GLN A 184 13.15 34.89 -6.80
N TYR A 185 12.11 34.70 -7.63
CA TYR A 185 11.09 33.68 -7.37
C TYR A 185 11.29 32.43 -8.21
N PHE A 186 12.48 32.24 -8.76
CA PHE A 186 12.79 31.03 -9.50
C PHE A 186 13.03 29.88 -8.51
N GLY A 187 12.69 28.67 -8.94
CA GLY A 187 13.08 27.47 -8.20
C GLY A 187 12.34 27.28 -6.87
N TYR A 188 12.82 26.29 -6.13
CA TYR A 188 12.14 25.87 -4.90
C TYR A 188 12.14 26.99 -3.87
N SER A 189 13.30 27.55 -3.57
CA SER A 189 13.33 28.58 -2.55
C SER A 189 12.70 29.86 -3.06
N GLY A 190 12.70 30.06 -4.38
CA GLY A 190 12.16 31.27 -4.93
C GLY A 190 10.64 31.24 -5.01
N ALA A 191 10.07 30.06 -5.27
CA ALA A 191 8.62 29.94 -5.22
C ALA A 191 8.12 30.18 -3.81
N PHE A 192 8.83 29.67 -2.81
CA PHE A 192 8.47 29.90 -1.42
C PHE A 192 8.68 31.35 -1.01
N LYS A 193 9.63 32.04 -1.61
CA LYS A 193 9.76 33.46 -1.26
C LYS A 193 8.63 34.26 -1.87
N CYS A 194 8.20 33.86 -3.07
CA CYS A 194 7.01 34.40 -3.70
C CYS A 194 5.78 34.28 -2.81
N LEU A 195 5.68 33.17 -2.04
CA LEU A 195 4.60 33.04 -1.07
C LEU A 195 4.85 33.92 0.15
N LYS A 196 6.01 33.75 0.79
CA LYS A 196 6.34 34.53 1.98
C LYS A 196 6.29 36.02 1.71
N ASP A 197 6.56 36.43 0.46
CA ASP A 197 6.65 37.86 0.16
C ASP A 197 5.29 38.49 -0.08
N GLY A 198 4.23 37.70 -0.17
CA GLY A 198 2.92 38.22 -0.44
C GLY A 198 2.57 38.33 -1.90
N ALA A 199 3.48 37.90 -2.79
CA ALA A 199 3.19 37.98 -4.22
C ALA A 199 2.13 36.97 -4.63
N GLY A 200 2.26 35.74 -4.17
CA GLY A 200 1.31 34.70 -4.49
C GLY A 200 0.60 34.22 -3.25
N ASP A 201 -0.55 33.56 -3.45
CA ASP A 201 -1.32 33.01 -2.36
C ASP A 201 -0.98 31.55 -2.08
N VAL A 202 -0.29 30.89 -3.00
CA VAL A 202 0.04 29.48 -2.87
C VAL A 202 1.35 29.22 -3.59
N ALA A 203 2.20 28.41 -2.98
CA ALA A 203 3.40 27.90 -3.64
C ALA A 203 3.31 26.38 -3.71
N PHE A 204 3.67 25.85 -4.88
CA PHE A 204 3.69 24.41 -5.13
C PHE A 204 5.15 23.97 -5.07
N VAL A 205 5.52 23.35 -3.95
CA VAL A 205 6.91 23.14 -3.60
C VAL A 205 6.97 21.76 -2.95
N LYS A 206 8.17 21.34 -2.53
CA LYS A 206 8.25 20.14 -1.71
C LYS A 206 8.03 20.51 -0.24
N HIS A 207 7.62 19.52 0.56
CA HIS A 207 7.53 19.74 1.99
C HIS A 207 8.85 20.26 2.56
N SER A 208 9.97 19.67 2.14
CA SER A 208 11.27 20.06 2.65
C SER A 208 11.63 21.49 2.26
N THR A 209 10.99 22.06 1.25
CA THR A 209 11.23 23.47 0.95
C THR A 209 10.81 24.36 2.13
N ILE A 210 9.75 23.97 2.83
CA ILE A 210 9.26 24.77 3.95
C ILE A 210 10.25 24.70 5.10
N PHE A 211 10.67 23.49 5.46
CA PHE A 211 11.52 23.33 6.63
C PHE A 211 12.88 23.97 6.43
N GLU A 212 13.34 24.07 5.19
CA GLU A 212 14.65 24.67 4.95
C GLU A 212 14.59 26.15 4.62
N ASN A 213 13.39 26.76 4.63
CA ASN A 213 13.27 28.20 4.47
C ASN A 213 12.60 28.89 5.66
N LEU A 214 12.38 28.16 6.76
CA LEU A 214 11.81 28.69 7.99
C LEU A 214 12.56 28.12 9.18
N ALA A 215 13.03 29.01 10.07
CA ALA A 215 13.94 28.61 11.14
C ALA A 215 13.29 27.63 12.12
N ASN A 216 12.11 27.95 12.60
CA ASN A 216 11.55 27.24 13.75
C ASN A 216 10.09 26.87 13.46
N LYS A 217 9.47 26.24 14.46
CA LYS A 217 8.06 25.87 14.32
C LYS A 217 7.14 27.09 14.38
N ALA A 218 7.47 28.09 15.21
CA ALA A 218 6.62 29.29 15.27
C ALA A 218 6.46 29.92 13.89
N ASP A 219 7.54 29.94 13.09
CA ASP A 219 7.44 30.37 11.69
C ASP A 219 6.47 29.49 10.90
N ARG A 220 6.71 28.18 10.91
CA ARG A 220 5.90 27.24 10.15
C ARG A 220 4.43 27.30 10.56
N ASP A 221 4.16 27.71 11.80
CA ASP A 221 2.80 27.90 12.26
C ASP A 221 2.12 29.07 11.55
N GLN A 222 2.90 29.95 10.92
CA GLN A 222 2.35 31.05 10.13
C GLN A 222 1.88 30.60 8.74
N TYR A 223 2.07 29.32 8.40
CA TYR A 223 1.66 28.78 7.13
C TYR A 223 0.81 27.54 7.35
N GLU A 224 0.06 27.17 6.32
CA GLU A 224 -0.74 25.97 6.34
C GLU A 224 -0.54 25.23 5.02
N LEU A 225 -1.06 24.02 4.95
CA LEU A 225 -1.05 23.25 3.72
C LEU A 225 -2.48 23.05 3.26
N LEU A 226 -2.66 23.11 1.95
CA LEU A 226 -3.92 22.72 1.33
C LEU A 226 -3.97 21.19 1.20
N CYS A 227 -5.03 20.59 1.73
CA CYS A 227 -5.23 19.14 1.62
C CYS A 227 -6.28 18.83 0.56
N LEU A 228 -6.19 17.63 -0.02
CA LEU A 228 -7.08 17.26 -1.13
C LEU A 228 -8.54 17.13 -0.71
N ASP A 229 -8.81 17.00 0.57
CA ASP A 229 -10.19 16.93 1.02
C ASP A 229 -10.78 18.31 1.32
N ASN A 230 -10.11 19.38 0.85
CA ASN A 230 -10.55 20.77 0.98
C ASN A 230 -10.61 21.20 2.44
N THR A 231 -9.56 20.84 3.18
CA THR A 231 -9.26 21.37 4.49
C THR A 231 -7.80 21.79 4.46
N ARG A 232 -7.39 22.48 5.52
CA ARG A 232 -5.99 22.78 5.77
C ARG A 232 -5.51 22.04 7.01
N LYS A 233 -4.22 21.79 7.06
CA LYS A 233 -3.52 21.22 8.19
C LYS A 233 -2.23 21.99 8.34
N PRO A 234 -1.55 21.89 9.49
CA PRO A 234 -0.26 22.55 9.66
C PRO A 234 0.82 21.92 8.79
N VAL A 235 1.82 22.74 8.41
CA VAL A 235 2.86 22.23 7.50
C VAL A 235 3.56 21.02 8.11
N ASP A 236 3.68 20.96 9.44
CA ASP A 236 4.28 19.79 10.09
C ASP A 236 3.51 18.52 9.78
N GLU A 237 2.22 18.64 9.47
CA GLU A 237 1.40 17.50 9.12
C GLU A 237 1.42 17.18 7.62
N TYR A 238 2.52 17.50 6.92
CA TYR A 238 2.61 17.27 5.46
C TYR A 238 2.35 15.82 5.09
N LYS A 239 2.82 14.87 5.90
CA LYS A 239 2.57 13.47 5.57
C LYS A 239 1.06 13.17 5.51
N ASP A 240 0.23 13.95 6.20
CA ASP A 240 -1.20 13.72 6.14
C ASP A 240 -1.93 14.75 5.28
N CYS A 241 -1.19 15.60 4.55
CA CYS A 241 -1.76 16.72 3.83
C CYS A 241 -0.84 17.10 2.67
N HIS A 242 -0.82 16.30 1.61
CA HIS A 242 0.07 16.57 0.49
C HIS A 242 -0.65 16.27 -0.82
N LEU A 243 -0.13 16.84 -1.90
CA LEU A 243 -0.65 16.51 -3.22
C LEU A 243 -0.20 15.13 -3.67
N ALA A 244 1.06 14.79 -3.46
CA ALA A 244 1.55 13.47 -3.85
C ALA A 244 2.86 13.13 -3.12
N GLN A 245 3.05 11.84 -2.91
CA GLN A 245 4.32 11.28 -2.49
C GLN A 245 5.15 10.94 -3.73
N VAL A 246 6.39 11.40 -3.77
CA VAL A 246 7.23 11.22 -4.95
C VAL A 246 8.57 10.61 -4.57
N PRO A 247 8.98 9.50 -5.18
CA PRO A 247 10.36 9.00 -4.95
C PRO A 247 11.39 9.93 -5.57
N SER A 248 12.45 10.21 -4.81
CA SER A 248 13.39 11.22 -5.26
C SER A 248 14.27 10.72 -6.40
N HIS A 249 14.70 9.46 -6.34
CA HIS A 249 15.59 8.93 -7.38
C HIS A 249 15.68 7.42 -7.27
N THR A 250 15.29 6.76 -8.34
CA THR A 250 14.95 5.35 -8.30
C THR A 250 15.74 4.59 -9.36
N VAL A 251 16.49 3.59 -8.92
CA VAL A 251 17.07 2.62 -9.83
C VAL A 251 15.98 1.68 -10.29
N VAL A 252 15.84 1.52 -11.59
CA VAL A 252 14.81 0.66 -12.16
C VAL A 252 15.48 -0.45 -12.96
N ALA A 253 14.74 -1.53 -13.15
CA ALA A 253 15.23 -2.70 -13.87
C ALA A 253 14.07 -3.43 -14.51
N ARG A 254 14.40 -4.47 -15.29
CA ARG A 254 13.40 -5.38 -15.85
C ARG A 254 12.54 -5.97 -14.75
N SER A 255 11.29 -6.32 -15.10
CA SER A 255 10.38 -6.88 -14.10
C SER A 255 10.62 -8.37 -13.89
N MET A 256 11.02 -9.10 -14.93
CA MET A 256 11.47 -10.49 -14.81
C MET A 256 12.87 -10.59 -15.39
N GLY A 257 13.75 -11.27 -14.66
CA GLY A 257 15.15 -11.34 -15.04
C GLY A 257 15.89 -10.02 -14.96
N GLY A 258 15.48 -9.13 -14.04
CA GLY A 258 16.00 -7.78 -14.02
C GLY A 258 17.30 -7.63 -13.27
N LYS A 259 17.63 -8.64 -12.45
CA LYS A 259 18.89 -8.73 -11.70
C LYS A 259 18.91 -7.78 -10.50
N GLU A 260 17.75 -7.61 -9.85
CA GLU A 260 17.65 -6.61 -8.79
C GLU A 260 18.55 -6.97 -7.61
N ASP A 261 18.69 -8.26 -7.31
CA ASP A 261 19.55 -8.64 -6.20
C ASP A 261 21.01 -8.36 -6.53
N LEU A 262 21.43 -8.66 -7.76
CA LEU A 262 22.77 -8.28 -8.19
C LEU A 262 22.92 -6.76 -8.18
N ILE A 263 21.87 -6.04 -8.59
CA ILE A 263 21.92 -4.59 -8.61
C ILE A 263 22.06 -4.05 -7.20
N TRP A 264 21.32 -4.64 -6.25
CA TRP A 264 21.39 -4.19 -4.88
C TRP A 264 22.76 -4.52 -4.28
N GLU A 265 23.24 -5.75 -4.47
CA GLU A 265 24.57 -6.10 -3.99
C GLU A 265 25.64 -5.16 -4.57
N LEU A 266 25.51 -4.83 -5.86
CA LEU A 266 26.44 -3.89 -6.45
C LEU A 266 26.39 -2.53 -5.72
N LEU A 267 25.19 -2.02 -5.49
CA LEU A 267 25.08 -0.67 -4.93
C LEU A 267 25.28 -0.67 -3.43
N ASN A 268 24.90 -1.75 -2.76
CA ASN A 268 25.19 -1.86 -1.33
C ASN A 268 26.70 -1.87 -1.08
N GLN A 269 27.45 -2.70 -1.82
CA GLN A 269 28.90 -2.71 -1.71
C GLN A 269 29.51 -1.36 -2.12
N ALA A 270 28.92 -0.71 -3.14
CA ALA A 270 29.46 0.57 -3.58
C ALA A 270 29.36 1.65 -2.49
N GLN A 271 28.23 1.74 -1.77
CA GLN A 271 28.11 2.80 -0.78
C GLN A 271 29.04 2.56 0.42
N GLU A 272 29.27 1.28 0.78
CA GLU A 272 30.26 0.94 1.82
C GLU A 272 31.64 1.48 1.48
N HIS A 273 32.10 1.26 0.24
CA HIS A 273 33.43 1.67 -0.20
C HIS A 273 33.50 3.13 -0.66
N PHE A 274 32.45 3.63 -1.33
CA PHE A 274 32.59 4.91 -2.01
C PHE A 274 31.43 5.86 -1.78
N GLY A 275 30.57 5.58 -0.80
CA GLY A 275 29.43 6.44 -0.51
C GLY A 275 29.84 7.70 0.25
N LYS A 276 28.84 8.34 0.85
CA LYS A 276 29.08 9.61 1.53
C LYS A 276 30.16 9.48 2.61
N ASP A 277 31.29 10.16 2.41
CA ASP A 277 32.40 10.18 3.37
C ASP A 277 32.93 8.77 3.62
N LYS A 278 33.33 8.11 2.54
CA LYS A 278 33.91 6.79 2.67
C LYS A 278 35.31 6.69 2.09
N SER A 279 35.58 7.39 0.99
CA SER A 279 36.83 7.23 0.29
C SER A 279 37.24 8.54 -0.35
N LYS A 280 38.52 8.90 -0.19
CA LYS A 280 39.09 10.02 -0.91
C LYS A 280 39.40 9.67 -2.36
N GLU A 281 39.48 8.37 -2.68
CA GLU A 281 39.84 7.93 -4.02
C GLU A 281 38.67 7.95 -5.00
N PHE A 282 37.44 7.66 -4.56
CA PHE A 282 36.29 7.66 -5.47
C PHE A 282 35.02 8.00 -4.71
N GLN A 283 34.11 8.70 -5.41
CA GLN A 283 32.83 9.10 -4.85
C GLN A 283 31.73 8.68 -5.82
N LEU A 284 30.80 7.85 -5.32
CA LEU A 284 29.57 7.63 -6.06
C LEU A 284 28.81 8.94 -6.27
N PHE A 285 28.80 9.81 -5.26
CA PHE A 285 27.84 10.88 -5.16
C PHE A 285 28.44 12.25 -5.47
N SER A 286 29.55 12.26 -6.22
CA SER A 286 30.10 13.48 -6.80
C SER A 286 30.88 13.08 -8.05
N SER A 287 31.40 14.09 -8.76
CA SER A 287 32.23 13.85 -9.92
C SER A 287 32.94 15.12 -10.36
N PRO A 288 34.23 15.03 -10.71
CA PRO A 288 34.90 16.14 -11.39
C PRO A 288 34.49 16.32 -12.84
N HIS A 289 33.49 15.56 -13.30
CA HIS A 289 33.00 15.65 -14.66
C HIS A 289 31.61 16.23 -14.77
N GLY A 290 30.99 16.61 -13.66
CA GLY A 290 29.67 17.22 -13.66
C GLY A 290 28.81 16.67 -12.54
N LYS A 291 27.72 17.39 -12.26
CA LYS A 291 26.86 17.05 -11.15
C LYS A 291 25.81 16.02 -11.55
N ASP A 292 25.39 15.22 -10.57
CA ASP A 292 24.27 14.29 -10.72
C ASP A 292 24.51 13.32 -11.87
N LEU A 293 25.74 12.84 -11.98
CA LEU A 293 26.05 11.76 -12.91
C LEU A 293 25.70 10.43 -12.27
N LEU A 294 24.81 9.66 -12.92
CA LEU A 294 24.36 8.32 -12.48
C LEU A 294 23.44 8.32 -11.26
N PHE A 295 23.81 9.11 -10.26
CA PHE A 295 23.07 9.24 -9.01
C PHE A 295 23.10 10.71 -8.63
N LYS A 296 22.26 11.09 -7.69
CA LYS A 296 22.22 12.48 -7.26
C LYS A 296 23.37 12.78 -6.31
N ASP A 297 24.03 13.92 -6.53
CA ASP A 297 25.12 14.33 -5.66
C ASP A 297 24.66 14.57 -4.23
N SER A 298 23.37 14.84 -4.02
CA SER A 298 22.82 15.00 -2.68
C SER A 298 22.56 13.68 -1.94
N ALA A 299 22.65 12.53 -2.61
CA ALA A 299 22.28 11.25 -2.01
C ALA A 299 23.28 10.83 -0.93
N HIS A 300 22.77 10.20 0.13
CA HIS A 300 23.66 9.64 1.16
C HIS A 300 23.84 8.14 1.08
N GLY A 301 23.03 7.43 0.29
CA GLY A 301 23.23 6.01 0.13
C GLY A 301 22.07 5.41 -0.61
N PHE A 302 21.94 4.08 -0.51
CA PHE A 302 20.87 3.35 -1.20
C PHE A 302 20.10 2.47 -0.22
N LEU A 303 18.81 2.28 -0.54
CA LEU A 303 17.97 1.30 0.14
C LEU A 303 17.39 0.34 -0.89
N LYS A 304 17.22 -0.92 -0.52
CA LYS A 304 16.58 -1.88 -1.39
C LYS A 304 15.08 -1.64 -1.44
N VAL A 305 14.51 -1.61 -2.64
CA VAL A 305 13.06 -1.49 -2.80
C VAL A 305 12.43 -2.86 -2.54
N PRO A 306 11.48 -2.95 -1.61
CA PRO A 306 10.82 -4.24 -1.33
C PRO A 306 10.24 -4.86 -2.58
N PRO A 307 10.37 -6.18 -2.74
CA PRO A 307 9.96 -6.83 -4.00
C PRO A 307 8.51 -6.66 -4.39
N ARG A 308 7.57 -6.63 -3.43
CA ARG A 308 6.16 -6.53 -3.81
C ARG A 308 5.87 -5.26 -4.60
N MET A 309 6.72 -4.25 -4.46
CA MET A 309 6.50 -2.94 -5.06
C MET A 309 6.54 -3.00 -6.58
N ASP A 310 5.54 -2.43 -7.23
CA ASP A 310 5.59 -2.10 -8.64
C ASP A 310 5.57 -0.58 -8.78
N ALA A 311 5.54 -0.08 -10.00
CA ALA A 311 5.72 1.35 -10.18
C ALA A 311 4.51 2.13 -9.70
N LYS A 312 3.30 1.61 -9.94
CA LYS A 312 2.10 2.29 -9.48
C LYS A 312 2.09 2.41 -7.97
N MET A 313 2.45 1.31 -7.28
CA MET A 313 2.50 1.32 -5.82
C MET A 313 3.57 2.28 -5.32
N TYR A 314 4.74 2.25 -5.96
CA TYR A 314 5.86 3.09 -5.54
C TYR A 314 5.56 4.57 -5.73
N LEU A 315 5.05 4.95 -6.90
CA LEU A 315 4.75 6.35 -7.12
C LEU A 315 3.60 6.81 -6.22
N GLY A 316 2.72 5.89 -5.84
CA GLY A 316 1.51 6.27 -5.14
C GLY A 316 0.36 6.61 -6.08
N TYR A 317 -0.85 6.48 -5.53
CA TYR A 317 -2.06 6.69 -6.30
C TYR A 317 -2.20 8.12 -6.75
N GLU A 318 -1.88 9.06 -5.86
CA GLU A 318 -2.09 10.47 -6.17
C GLU A 318 -1.17 10.90 -7.29
N TYR A 319 0.10 10.48 -7.25
CA TYR A 319 1.03 10.87 -8.30
C TYR A 319 0.60 10.33 -9.65
N VAL A 320 0.17 9.07 -9.70
CA VAL A 320 -0.18 8.44 -10.95
C VAL A 320 -1.36 9.16 -11.58
N THR A 321 -2.37 9.46 -10.75
CA THR A 321 -3.54 10.23 -11.17
C THR A 321 -3.13 11.54 -11.85
N ALA A 322 -2.30 12.33 -11.18
CA ALA A 322 -1.88 13.60 -11.77
C ALA A 322 -1.15 13.39 -13.09
N ILE A 323 -0.22 12.44 -13.13
CA ILE A 323 0.57 12.25 -14.34
C ILE A 323 -0.30 11.71 -15.47
N ARG A 324 -1.18 10.73 -15.17
CA ARG A 324 -2.15 10.26 -16.15
C ARG A 324 -2.89 11.41 -16.81
N ASN A 325 -3.40 12.34 -16.00
CA ASN A 325 -4.20 13.45 -16.53
C ASN A 325 -3.42 14.26 -17.54
N LEU A 326 -2.23 14.69 -17.17
CA LEU A 326 -1.42 15.51 -18.06
C LEU A 326 -1.00 14.73 -19.30
N ARG A 327 -0.51 13.50 -19.10
CA ARG A 327 -0.06 12.69 -20.22
C ARG A 327 -1.20 12.40 -21.19
N GLU A 328 -2.31 11.88 -20.67
CA GLU A 328 -3.41 11.51 -21.56
C GLU A 328 -4.07 12.75 -22.16
N GLY A 329 -4.00 13.88 -21.46
CA GLY A 329 -4.57 15.13 -21.96
C GLY A 329 -6.07 15.11 -22.12
N THR A 330 -6.76 14.23 -21.41
CA THR A 330 -8.19 13.97 -21.59
C THR A 330 -8.84 13.75 -20.24
N CYS A 331 -10.03 14.29 -20.06
CA CYS A 331 -10.77 14.27 -18.81
C CYS A 331 -12.02 13.40 -18.91
N PRO A 332 -12.62 13.08 -17.76
CA PRO A 332 -13.93 12.41 -17.78
C PRO A 332 -15.04 13.41 -17.46
N GLU A 333 -16.29 13.07 -17.80
CA GLU A 333 -17.42 13.99 -17.66
C GLU A 333 -17.78 14.26 -16.19
N GLU A 338 -23.02 12.19 -9.68
CA GLU A 338 -23.34 10.89 -9.09
C GLU A 338 -22.08 10.19 -8.60
N CYS A 339 -22.24 8.96 -8.08
CA CYS A 339 -21.13 8.15 -7.62
C CYS A 339 -20.65 7.23 -8.73
N LYS A 340 -19.37 6.92 -8.72
CA LYS A 340 -18.90 5.84 -9.56
C LYS A 340 -19.40 4.52 -8.98
N PRO A 341 -19.81 3.57 -9.83
CA PRO A 341 -20.09 2.22 -9.33
C PRO A 341 -18.85 1.64 -8.68
N VAL A 342 -19.06 0.87 -7.63
CA VAL A 342 -17.98 0.41 -6.78
C VAL A 342 -17.41 -0.87 -7.36
N LYS A 343 -16.10 -0.89 -7.63
CA LYS A 343 -15.43 -2.10 -8.09
C LYS A 343 -15.07 -2.93 -6.87
N TRP A 344 -15.76 -4.04 -6.67
CA TRP A 344 -15.47 -4.94 -5.56
C TRP A 344 -14.36 -5.88 -5.96
N CYS A 345 -13.41 -6.13 -5.05
CA CYS A 345 -12.34 -7.07 -5.35
C CYS A 345 -12.69 -8.44 -4.75
N ALA A 346 -12.93 -9.41 -5.62
CA ALA A 346 -13.25 -10.77 -5.22
C ALA A 346 -12.00 -11.62 -5.09
N LEU A 347 -11.92 -12.41 -4.02
CA LEU A 347 -10.80 -13.32 -3.76
C LEU A 347 -10.97 -14.60 -4.59
N SER A 348 -10.52 -14.52 -5.84
CA SER A 348 -10.46 -15.62 -6.80
C SER A 348 -11.84 -15.92 -7.37
N HIS A 349 -11.95 -17.05 -8.08
CA HIS A 349 -13.15 -17.30 -8.88
C HIS A 349 -14.31 -17.80 -8.02
N HIS A 350 -14.02 -18.43 -6.88
CA HIS A 350 -15.08 -18.76 -5.95
C HIS A 350 -15.84 -17.51 -5.51
N GLU A 351 -15.10 -16.47 -5.13
CA GLU A 351 -15.73 -15.22 -4.77
C GLU A 351 -16.19 -14.45 -5.99
N ARG A 352 -15.48 -14.60 -7.10
CA ARG A 352 -15.82 -13.85 -8.30
C ARG A 352 -17.22 -14.21 -8.80
N LEU A 353 -17.64 -15.46 -8.60
CA LEU A 353 -18.98 -15.85 -9.02
C LEU A 353 -20.03 -15.14 -8.18
N LYS A 354 -19.87 -15.16 -6.85
CA LYS A 354 -20.89 -14.53 -6.01
C LYS A 354 -20.92 -13.02 -6.23
N CYS A 355 -19.76 -12.41 -6.46
CA CYS A 355 -19.72 -10.99 -6.77
C CYS A 355 -20.43 -10.69 -8.09
N ASP A 356 -20.26 -11.55 -9.11
CA ASP A 356 -20.92 -11.32 -10.39
C ASP A 356 -22.43 -11.34 -10.26
N GLU A 357 -22.98 -12.29 -9.49
CA GLU A 357 -24.41 -12.28 -9.22
C GLU A 357 -24.81 -11.00 -8.49
N TRP A 358 -23.99 -10.58 -7.52
CA TRP A 358 -24.21 -9.30 -6.87
C TRP A 358 -24.23 -8.18 -7.89
N SER A 359 -23.28 -8.18 -8.82
CA SER A 359 -23.19 -7.10 -9.80
C SER A 359 -24.45 -7.02 -10.65
N VAL A 360 -24.90 -8.15 -11.21
CA VAL A 360 -26.06 -8.08 -12.11
C VAL A 360 -27.31 -7.72 -11.34
N ASN A 361 -27.43 -8.18 -10.09
CA ASN A 361 -28.62 -7.84 -9.31
C ASN A 361 -28.50 -6.47 -8.64
N SER A 362 -27.35 -5.80 -8.76
CA SER A 362 -27.13 -4.51 -8.11
C SER A 362 -27.66 -3.33 -8.92
N VAL A 363 -28.23 -3.57 -10.10
CA VAL A 363 -28.72 -2.51 -10.97
C VAL A 363 -27.56 -1.58 -11.31
N GLY A 364 -26.41 -2.16 -11.65
CA GLY A 364 -25.29 -1.43 -12.19
C GLY A 364 -24.39 -0.76 -11.16
N LYS A 365 -24.70 -0.84 -9.88
CA LYS A 365 -23.94 -0.11 -8.89
C LYS A 365 -22.74 -0.86 -8.33
N ILE A 366 -22.63 -2.16 -8.56
CA ILE A 366 -21.47 -2.94 -8.13
C ILE A 366 -20.83 -3.55 -9.36
N GLU A 367 -19.50 -3.41 -9.47
CA GLU A 367 -18.69 -4.12 -10.45
C GLU A 367 -17.62 -4.93 -9.73
N CYS A 368 -17.07 -5.92 -10.42
CA CYS A 368 -16.17 -6.90 -9.82
C CYS A 368 -14.81 -6.94 -10.49
N VAL A 369 -13.77 -7.02 -9.68
CA VAL A 369 -12.44 -7.41 -10.11
C VAL A 369 -12.03 -8.63 -9.30
N SER A 370 -11.09 -9.40 -9.84
CA SER A 370 -10.59 -10.58 -9.15
C SER A 370 -9.12 -10.42 -8.81
N ALA A 371 -8.70 -11.11 -7.75
CA ALA A 371 -7.28 -11.32 -7.51
C ALA A 371 -7.14 -12.62 -6.75
N GLU A 372 -5.95 -13.21 -6.82
CA GLU A 372 -5.72 -14.52 -6.24
C GLU A 372 -5.33 -14.50 -4.77
N THR A 373 -4.92 -13.35 -4.23
CA THR A 373 -4.68 -13.25 -2.79
C THR A 373 -5.34 -11.98 -2.25
N THR A 374 -5.57 -11.99 -0.94
CA THR A 374 -6.08 -10.78 -0.30
C THR A 374 -5.13 -9.61 -0.52
N GLU A 375 -3.82 -9.84 -0.35
CA GLU A 375 -2.83 -8.77 -0.51
C GLU A 375 -2.85 -8.22 -1.93
N ASP A 376 -2.98 -9.10 -2.93
CA ASP A 376 -3.10 -8.62 -4.30
C ASP A 376 -4.35 -7.76 -4.45
N CYS A 377 -5.44 -8.13 -3.77
CA CYS A 377 -6.65 -7.32 -3.83
C CYS A 377 -6.45 -5.97 -3.16
N ILE A 378 -5.80 -5.96 -2.00
CA ILE A 378 -5.55 -4.70 -1.33
C ILE A 378 -4.72 -3.80 -2.24
N ALA A 379 -3.81 -4.38 -3.03
CA ALA A 379 -2.94 -3.59 -3.89
C ALA A 379 -3.70 -3.00 -5.06
N LYS A 380 -4.74 -3.70 -5.54
CA LYS A 380 -5.57 -3.16 -6.60
C LYS A 380 -6.45 -2.03 -6.07
N ILE A 381 -6.91 -2.16 -4.82
CA ILE A 381 -7.68 -1.07 -4.24
C ILE A 381 -6.80 0.14 -4.05
N MET A 382 -5.55 -0.07 -3.66
CA MET A 382 -4.62 1.05 -3.49
C MET A 382 -4.43 1.81 -4.79
N ASN A 383 -4.26 1.11 -5.91
CA ASN A 383 -3.89 1.75 -7.15
C ASN A 383 -5.08 2.10 -8.03
N GLY A 384 -6.29 1.73 -7.64
CA GLY A 384 -7.51 2.15 -8.33
C GLY A 384 -8.13 1.11 -9.23
N GLU A 385 -7.45 -0.02 -9.48
CA GLU A 385 -8.06 -1.13 -10.22
C GLU A 385 -9.28 -1.71 -9.52
N ALA A 386 -9.42 -1.44 -8.21
CA ALA A 386 -10.60 -1.81 -7.45
C ALA A 386 -10.85 -0.74 -6.40
N ASP A 387 -12.01 -0.84 -5.76
CA ASP A 387 -12.37 0.14 -4.76
C ASP A 387 -12.61 -0.43 -3.37
N ALA A 388 -13.04 -1.67 -3.21
CA ALA A 388 -13.45 -2.06 -1.87
C ALA A 388 -13.53 -3.57 -1.73
N MET A 389 -13.38 -4.00 -0.48
CA MET A 389 -13.56 -5.38 -0.08
C MET A 389 -13.69 -5.41 1.44
N SER A 390 -14.17 -6.54 1.94
CA SER A 390 -14.17 -6.82 3.36
C SER A 390 -12.90 -7.55 3.75
N LEU A 391 -12.46 -7.36 4.99
CA LEU A 391 -11.19 -7.86 5.47
C LEU A 391 -11.24 -8.24 6.94
N ASP A 392 -10.69 -9.41 7.24
CA ASP A 392 -10.32 -9.74 8.60
C ASP A 392 -9.47 -8.63 9.17
N GLY A 393 -9.62 -8.39 10.48
CA GLY A 393 -8.89 -7.30 11.12
C GLY A 393 -7.40 -7.28 10.87
N GLY A 394 -6.78 -8.46 10.70
CA GLY A 394 -5.35 -8.50 10.46
C GLY A 394 -4.98 -7.84 9.15
N PHE A 395 -5.85 -7.95 8.17
CA PHE A 395 -5.63 -7.29 6.89
C PHE A 395 -6.25 -5.91 6.85
N VAL A 396 -7.22 -5.60 7.74
CA VAL A 396 -7.60 -4.21 7.98
C VAL A 396 -6.38 -3.42 8.44
N TYR A 397 -5.61 -3.99 9.36
CA TYR A 397 -4.37 -3.40 9.82
C TYR A 397 -3.43 -3.10 8.66
N ILE A 398 -3.18 -4.12 7.83
CA ILE A 398 -2.20 -3.97 6.76
C ILE A 398 -2.69 -2.94 5.75
N ALA A 399 -3.97 -2.99 5.41
CA ALA A 399 -4.55 -2.03 4.47
C ALA A 399 -4.37 -0.61 4.97
N GLY A 400 -4.59 -0.38 6.27
CA GLY A 400 -4.37 0.95 6.83
C GLY A 400 -2.92 1.39 6.75
N LYS A 401 -1.98 0.50 7.10
CA LYS A 401 -0.56 0.77 6.84
C LYS A 401 -0.29 1.16 5.38
N CYS A 402 -1.13 0.67 4.47
CA CYS A 402 -1.07 0.95 3.03
C CYS A 402 -1.98 2.11 2.64
N GLY A 403 -2.50 2.86 3.61
CA GLY A 403 -3.28 4.03 3.33
C GLY A 403 -4.78 3.85 3.22
N LEU A 404 -5.29 2.62 3.23
CA LEU A 404 -6.73 2.47 3.07
C LEU A 404 -7.43 2.72 4.41
N VAL A 405 -8.75 2.90 4.34
CA VAL A 405 -9.54 3.23 5.51
C VAL A 405 -10.76 2.33 5.62
N PRO A 406 -11.17 1.95 6.84
CA PRO A 406 -12.40 1.18 7.01
C PRO A 406 -13.60 2.09 6.88
N VAL A 407 -14.62 1.62 6.18
CA VAL A 407 -15.82 2.42 5.96
C VAL A 407 -17.05 1.85 6.66
N LEU A 408 -17.13 0.53 6.81
CA LEU A 408 -18.28 -0.14 7.41
C LEU A 408 -17.79 -1.44 8.02
N ALA A 409 -18.37 -1.82 9.15
CA ALA A 409 -18.01 -3.06 9.80
C ALA A 409 -19.04 -4.13 9.46
N GLU A 410 -18.56 -5.37 9.36
CA GLU A 410 -19.42 -6.54 9.53
C GLU A 410 -19.84 -6.64 10.99
N ASN A 411 -21.11 -6.91 11.21
CA ASN A 411 -21.65 -7.15 12.55
C ASN A 411 -22.26 -8.55 12.59
N TYR A 412 -22.11 -9.24 13.72
CA TYR A 412 -22.58 -10.63 13.85
C TYR A 412 -23.60 -10.86 14.96
N ASN A 413 -23.90 -9.84 15.77
CA ASN A 413 -24.86 -9.97 16.86
C ASN A 413 -26.25 -9.60 16.36
N LYS A 414 -27.24 -10.43 16.70
CA LYS A 414 -28.62 -10.11 16.34
C LYS A 414 -29.10 -8.95 17.19
N SER A 415 -29.70 -7.95 16.54
CA SER A 415 -30.06 -6.70 17.20
C SER A 415 -31.09 -5.97 16.37
N ASP A 416 -32.05 -5.33 17.03
CA ASP A 416 -33.09 -4.58 16.33
C ASP A 416 -32.53 -3.36 15.62
N ASN A 417 -31.30 -2.96 15.94
CA ASN A 417 -30.64 -1.80 15.32
C ASN A 417 -29.18 -2.15 15.02
N CYS A 418 -29.00 -3.15 14.14
CA CYS A 418 -27.66 -3.63 13.82
C CYS A 418 -26.83 -2.55 13.13
N GLU A 419 -27.40 -1.92 12.10
CA GLU A 419 -26.69 -0.90 11.33
C GLU A 419 -26.01 0.15 12.21
N ASP A 420 -26.56 0.43 13.40
CA ASP A 420 -26.10 1.53 14.23
C ASP A 420 -25.67 1.07 15.62
N THR A 421 -25.12 -0.13 15.75
CA THR A 421 -24.67 -0.65 17.04
C THR A 421 -23.26 -1.23 16.93
N PRO A 422 -22.24 -0.48 17.35
CA PRO A 422 -20.88 -1.05 17.34
C PRO A 422 -20.80 -2.31 18.19
N GLU A 423 -20.07 -3.31 17.68
CA GLU A 423 -19.81 -4.54 18.41
C GLU A 423 -18.38 -4.54 18.92
N ALA A 424 -18.17 -5.25 20.04
CA ALA A 424 -16.86 -5.32 20.67
C ALA A 424 -15.92 -6.30 20.00
N GLY A 425 -16.45 -7.24 19.21
CA GLY A 425 -15.64 -8.18 18.48
C GLY A 425 -16.05 -9.61 18.72
N TYR A 426 -15.45 -10.49 17.95
CA TYR A 426 -15.65 -11.91 18.16
C TYR A 426 -14.48 -12.42 18.99
N PHE A 427 -14.40 -13.74 19.16
CA PHE A 427 -13.40 -14.33 20.03
C PHE A 427 -12.51 -15.27 19.24
N ALA A 428 -11.20 -15.15 19.46
CA ALA A 428 -10.21 -16.05 18.87
C ALA A 428 -10.00 -17.23 19.82
N ILE A 429 -10.24 -18.45 19.31
CA ILE A 429 -10.19 -19.64 20.14
C ILE A 429 -9.27 -20.69 19.51
N ALA A 430 -8.74 -21.56 20.36
CA ALA A 430 -7.99 -22.74 19.96
C ALA A 430 -8.91 -23.94 20.12
N VAL A 431 -9.22 -24.63 19.02
CA VAL A 431 -10.11 -25.78 19.05
C VAL A 431 -9.28 -27.06 18.94
N VAL A 432 -9.57 -28.02 19.82
CA VAL A 432 -8.95 -29.36 19.78
C VAL A 432 -10.04 -30.43 19.79
N LYS A 433 -9.61 -31.65 19.48
CA LYS A 433 -10.48 -32.83 19.53
C LYS A 433 -10.48 -33.36 20.96
N LYS A 434 -11.67 -33.53 21.53
CA LYS A 434 -11.77 -33.97 22.92
C LYS A 434 -11.11 -35.32 23.13
N SER A 435 -11.19 -36.22 22.13
CA SER A 435 -10.56 -37.52 22.29
C SER A 435 -9.05 -37.41 22.46
N ALA A 436 -8.47 -36.29 22.06
CA ALA A 436 -7.05 -36.01 22.32
C ALA A 436 -6.95 -35.26 23.64
N SER A 437 -7.11 -36.03 24.73
CA SER A 437 -7.30 -35.45 26.06
C SER A 437 -6.04 -34.79 26.61
N ASP A 438 -4.87 -35.18 26.10
CA ASP A 438 -3.59 -34.70 26.63
C ASP A 438 -3.39 -33.22 26.32
N LEU A 439 -3.63 -32.82 25.07
CA LEU A 439 -3.32 -31.49 24.53
C LEU A 439 -3.56 -30.34 25.51
N THR A 440 -2.52 -29.54 25.73
CA THR A 440 -2.57 -28.39 26.64
C THR A 440 -1.91 -27.19 26.00
N TRP A 441 -2.48 -26.01 26.25
CA TRP A 441 -1.89 -24.76 25.77
C TRP A 441 -0.40 -24.63 26.11
N ASP A 442 0.14 -25.46 27.00
CA ASP A 442 1.52 -25.35 27.45
C ASP A 442 2.41 -26.43 26.86
N ASN A 443 1.95 -27.07 25.78
CA ASN A 443 2.80 -27.96 25.00
C ASN A 443 2.04 -28.30 23.74
N LEU A 444 1.93 -27.33 22.83
CA LEU A 444 1.64 -27.62 21.43
C LEU A 444 2.90 -27.93 20.65
N LYS A 445 4.05 -27.77 21.30
CA LYS A 445 5.34 -27.99 20.67
C LYS A 445 5.38 -29.36 20.02
N GLY A 446 5.68 -29.36 18.72
CA GLY A 446 5.69 -30.57 17.92
C GLY A 446 4.35 -31.08 17.49
N LYS A 447 3.25 -30.46 17.92
CA LYS A 447 1.94 -30.83 17.45
C LYS A 447 1.70 -30.20 16.06
N LYS A 448 0.52 -30.41 15.50
CA LYS A 448 0.18 -29.95 14.16
C LYS A 448 -0.95 -28.93 14.21
N SER A 449 -0.76 -27.81 13.51
CA SER A 449 -1.63 -26.66 13.63
C SER A 449 -2.42 -26.41 12.36
N CYS A 450 -3.62 -25.85 12.53
CA CYS A 450 -4.46 -25.41 11.42
C CYS A 450 -4.83 -23.95 11.63
N HIS A 451 -4.63 -23.16 10.58
CA HIS A 451 -4.79 -21.72 10.63
C HIS A 451 -5.61 -21.27 9.44
N THR A 452 -6.47 -20.27 9.65
CA THR A 452 -7.30 -19.75 8.56
C THR A 452 -6.43 -19.28 7.41
N ALA A 453 -5.42 -18.47 7.73
CA ALA A 453 -4.44 -17.94 6.78
C ALA A 453 -3.43 -17.09 7.52
N VAL A 454 -2.20 -17.06 7.02
CA VAL A 454 -1.20 -16.12 7.52
C VAL A 454 -1.78 -14.72 7.56
N GLY A 455 -1.58 -14.03 8.68
CA GLY A 455 -1.97 -12.64 8.80
C GLY A 455 -3.39 -12.39 9.26
N ARG A 456 -4.20 -13.42 9.41
CA ARG A 456 -5.55 -13.23 9.91
C ARG A 456 -5.56 -13.24 11.44
N THR A 457 -6.61 -12.64 12.01
CA THR A 457 -6.65 -12.38 13.45
C THR A 457 -6.67 -13.65 14.29
N ALA A 458 -7.77 -14.41 14.24
CA ALA A 458 -7.85 -15.64 15.01
C ALA A 458 -6.98 -16.72 14.40
N GLY A 459 -6.82 -16.70 13.08
CA GLY A 459 -6.03 -17.73 12.44
C GLY A 459 -4.57 -17.63 12.76
N TRP A 460 -4.09 -16.43 13.07
CA TRP A 460 -2.65 -16.22 13.08
C TRP A 460 -2.21 -15.17 14.10
N ASN A 461 -2.68 -13.93 13.95
CA ASN A 461 -2.11 -12.81 14.71
C ASN A 461 -2.23 -13.06 16.21
N ILE A 462 -3.42 -13.41 16.68
CA ILE A 462 -3.63 -13.67 18.11
C ILE A 462 -2.80 -14.88 18.55
N PRO A 463 -3.02 -16.08 18.02
CA PRO A 463 -2.30 -17.23 18.59
C PRO A 463 -0.79 -17.19 18.37
N MET A 464 -0.33 -16.78 17.18
CA MET A 464 1.10 -16.63 16.98
C MET A 464 1.67 -15.45 17.75
N GLY A 465 0.87 -14.39 17.94
CA GLY A 465 1.27 -13.35 18.87
C GLY A 465 1.60 -13.92 20.23
N LEU A 466 0.67 -14.70 20.81
CA LEU A 466 0.91 -15.30 22.12
C LEU A 466 2.11 -16.24 22.07
N LEU A 467 2.24 -17.00 20.99
CA LEU A 467 3.34 -17.96 20.89
C LEU A 467 4.68 -17.25 20.80
N TYR A 468 4.74 -16.14 20.06
CA TYR A 468 5.98 -15.38 19.97
C TYR A 468 6.39 -14.77 21.29
N ASN A 469 5.43 -14.45 22.16
CA ASN A 469 5.77 -14.03 23.52
C ASN A 469 6.35 -15.17 24.34
N LYS A 470 5.84 -16.39 24.14
CA LYS A 470 6.30 -17.53 24.93
C LYS A 470 7.71 -17.96 24.50
N ILE A 471 7.97 -17.98 23.20
CA ILE A 471 9.19 -18.58 22.68
C ILE A 471 10.16 -17.56 22.10
N ASN A 472 9.69 -16.37 21.77
CA ASN A 472 10.56 -15.25 21.40
C ASN A 472 11.44 -15.56 20.19
N HIS A 473 10.93 -16.37 19.27
CA HIS A 473 11.44 -16.41 17.91
C HIS A 473 10.26 -16.63 16.97
N CYS A 474 10.49 -16.36 15.69
CA CYS A 474 9.44 -16.37 14.69
C CYS A 474 9.37 -17.66 13.90
N ARG A 475 10.25 -18.63 14.18
CA ARG A 475 10.27 -19.87 13.42
C ARG A 475 9.11 -20.78 13.83
N PHE A 476 7.88 -20.31 13.61
CA PHE A 476 6.69 -21.04 14.05
C PHE A 476 6.57 -22.39 13.36
N ASP A 477 7.11 -22.52 12.14
CA ASP A 477 7.09 -23.78 11.42
C ASP A 477 8.08 -24.79 11.99
N GLU A 478 8.96 -24.36 12.89
CA GLU A 478 9.78 -25.30 13.64
C GLU A 478 9.21 -25.59 15.02
N PHE A 479 8.44 -24.66 15.60
CA PHE A 479 7.74 -24.97 16.85
C PHE A 479 6.69 -26.04 16.62
N PHE A 480 5.84 -25.86 15.60
CA PHE A 480 4.96 -26.91 15.13
C PHE A 480 5.72 -27.88 14.25
N SER A 481 5.34 -29.16 14.32
CA SER A 481 5.97 -30.13 13.44
C SER A 481 5.58 -29.88 12.00
N GLU A 482 4.29 -29.63 11.78
CA GLU A 482 3.76 -29.28 10.47
C GLU A 482 2.39 -28.65 10.66
N GLY A 483 1.84 -28.11 9.59
CA GLY A 483 0.55 -27.48 9.71
C GLY A 483 0.00 -27.09 8.37
N CYS A 484 -1.13 -26.38 8.42
CA CYS A 484 -1.64 -25.70 7.23
C CYS A 484 -1.98 -24.27 7.63
N ALA A 485 -1.22 -23.32 7.07
CA ALA A 485 -1.44 -21.89 7.23
C ALA A 485 -1.35 -21.29 5.84
N PRO A 486 -2.45 -21.36 5.07
CA PRO A 486 -2.43 -20.77 3.72
C PRO A 486 -1.79 -19.38 3.70
N GLY A 487 -0.98 -19.15 2.69
CA GLY A 487 -0.17 -17.95 2.63
C GLY A 487 1.22 -18.08 3.22
N SER A 488 1.60 -19.25 3.72
CA SER A 488 2.97 -19.44 4.15
C SER A 488 3.89 -19.66 2.94
N LYS A 489 5.21 -19.59 3.19
CA LYS A 489 6.15 -19.94 2.13
C LYS A 489 5.94 -21.40 1.75
N LYS A 490 5.99 -21.67 0.44
CA LYS A 490 5.58 -22.97 -0.04
C LYS A 490 6.41 -24.09 0.55
N ASP A 491 7.68 -23.83 0.85
CA ASP A 491 8.55 -24.84 1.42
C ASP A 491 8.36 -25.05 2.92
N SER A 492 7.40 -24.36 3.54
CA SER A 492 7.22 -24.37 4.99
C SER A 492 6.47 -25.62 5.43
N SER A 493 6.84 -26.14 6.59
CA SER A 493 6.04 -27.24 7.13
C SER A 493 4.61 -26.79 7.47
N LEU A 494 4.33 -25.48 7.54
CA LEU A 494 3.00 -24.93 7.72
C LEU A 494 2.21 -24.90 6.40
N CYS A 495 2.72 -25.56 5.36
CA CYS A 495 1.97 -25.86 4.15
C CYS A 495 1.72 -27.35 3.99
N LYS A 496 2.31 -28.19 4.84
CA LYS A 496 2.32 -29.63 4.58
C LYS A 496 0.92 -30.24 4.73
N LEU A 497 0.16 -29.82 5.74
CA LEU A 497 -1.17 -30.41 5.94
C LEU A 497 -2.22 -29.85 4.98
N CYS A 498 -1.90 -28.82 4.21
CA CYS A 498 -2.89 -28.25 3.29
C CYS A 498 -3.31 -29.28 2.26
N MET A 499 -4.40 -28.97 1.56
CA MET A 499 -5.04 -29.97 0.73
C MET A 499 -5.22 -29.55 -0.70
N GLY A 500 -4.89 -28.30 -1.04
CA GLY A 500 -4.98 -27.87 -2.43
C GLY A 500 -4.10 -28.72 -3.32
N SER A 501 -4.52 -28.86 -4.56
CA SER A 501 -3.79 -29.59 -5.59
C SER A 501 -2.89 -28.66 -6.38
N GLY A 502 -1.70 -29.16 -6.72
CA GLY A 502 -0.82 -28.44 -7.63
C GLY A 502 -0.35 -27.12 -7.08
N LEU A 503 -0.54 -26.07 -7.88
CA LEU A 503 -0.18 -24.71 -7.51
C LEU A 503 -1.13 -24.13 -6.48
N ASN A 504 -2.26 -24.77 -6.26
CA ASN A 504 -3.23 -24.30 -5.28
C ASN A 504 -2.85 -24.68 -3.86
N LEU A 505 -2.03 -25.71 -3.67
CA LEU A 505 -1.62 -26.10 -2.33
C LEU A 505 -1.09 -24.88 -1.56
N CYS A 506 -1.69 -24.62 -0.41
CA CYS A 506 -1.31 -23.57 0.53
C CYS A 506 -1.68 -22.16 0.08
N GLU A 507 -2.42 -21.99 -1.00
CA GLU A 507 -2.79 -20.65 -1.44
C GLU A 507 -3.84 -20.05 -0.50
N PRO A 508 -3.75 -18.79 -0.21
CA PRO A 508 -4.75 -18.17 0.67
C PRO A 508 -6.00 -17.75 -0.09
N ASN A 509 -6.65 -18.73 -0.70
CA ASN A 509 -7.94 -18.56 -1.33
C ASN A 509 -8.62 -19.92 -1.33
N ASN A 510 -9.86 -19.93 -1.79
CA ASN A 510 -10.68 -21.13 -1.66
C ASN A 510 -10.34 -22.24 -2.65
N LYS A 511 -9.35 -22.06 -3.50
CA LYS A 511 -8.80 -23.23 -4.17
C LYS A 511 -8.02 -24.11 -3.20
N GLU A 512 -7.72 -23.60 -2.01
CA GLU A 512 -7.13 -24.38 -0.93
C GLU A 512 -8.25 -24.62 0.08
N GLY A 513 -8.75 -25.86 0.11
CA GLY A 513 -9.90 -26.25 0.93
C GLY A 513 -9.71 -26.07 2.43
N TYR A 514 -8.49 -25.78 2.89
CA TYR A 514 -8.25 -25.53 4.31
C TYR A 514 -8.10 -24.04 4.61
N TYR A 515 -8.25 -23.19 3.60
CA TYR A 515 -8.23 -21.75 3.82
C TYR A 515 -9.55 -21.29 4.46
N GLY A 516 -9.45 -20.44 5.46
CA GLY A 516 -10.62 -19.86 6.08
C GLY A 516 -11.00 -20.56 7.37
N TYR A 517 -12.01 -19.98 8.04
CA TYR A 517 -12.52 -20.54 9.32
C TYR A 517 -12.97 -21.99 9.16
N THR A 518 -13.85 -22.25 8.18
CA THR A 518 -14.30 -23.61 7.92
C THR A 518 -13.14 -24.51 7.53
N GLY A 519 -12.24 -24.00 6.69
CA GLY A 519 -11.09 -24.79 6.25
C GLY A 519 -10.15 -25.17 7.38
N ALA A 520 -9.86 -24.23 8.28
CA ALA A 520 -9.02 -24.55 9.44
C ALA A 520 -9.68 -25.62 10.30
N PHE A 521 -11.01 -25.57 10.42
CA PHE A 521 -11.72 -26.59 11.17
C PHE A 521 -11.70 -27.94 10.42
N ARG A 522 -11.89 -27.90 9.10
CA ARG A 522 -11.76 -29.13 8.35
C ARG A 522 -10.37 -29.73 8.53
N CYS A 523 -9.34 -28.87 8.49
CA CYS A 523 -7.96 -29.32 8.70
C CYS A 523 -7.81 -30.03 10.04
N LEU A 524 -8.44 -29.49 11.08
CA LEU A 524 -8.42 -30.11 12.41
C LEU A 524 -9.10 -31.48 12.39
N VAL A 525 -10.30 -31.56 11.80
CA VAL A 525 -11.00 -32.84 11.70
C VAL A 525 -10.12 -33.86 11.00
N GLU A 526 -9.38 -33.42 9.98
CA GLU A 526 -8.76 -34.39 9.09
C GLU A 526 -7.30 -34.66 9.40
N LYS A 527 -6.48 -33.67 9.73
CA LYS A 527 -5.04 -33.93 9.81
C LYS A 527 -4.36 -33.39 11.06
N GLY A 528 -4.85 -32.28 11.59
CA GLY A 528 -4.14 -31.53 12.60
C GLY A 528 -4.65 -31.77 14.01
N ASP A 529 -3.93 -31.18 14.96
CA ASP A 529 -4.25 -31.27 16.38
C ASP A 529 -4.94 -30.03 16.94
N VAL A 530 -4.69 -28.84 16.40
CA VAL A 530 -5.30 -27.61 16.89
C VAL A 530 -5.64 -26.74 15.68
N ALA A 531 -6.79 -26.07 15.76
CA ALA A 531 -7.27 -25.13 14.76
C ALA A 531 -7.48 -23.79 15.45
N PHE A 532 -6.99 -22.73 14.81
CA PHE A 532 -7.14 -21.37 15.33
C PHE A 532 -8.20 -20.67 14.49
N VAL A 533 -9.36 -20.43 15.10
CA VAL A 533 -10.54 -19.95 14.39
C VAL A 533 -11.34 -19.09 15.35
N LYS A 534 -12.49 -18.62 14.90
CA LYS A 534 -13.41 -17.82 15.69
C LYS A 534 -14.34 -18.73 16.52
N HIS A 535 -14.98 -18.13 17.53
CA HIS A 535 -15.76 -18.93 18.47
C HIS A 535 -16.99 -19.58 17.84
N GLN A 536 -17.42 -19.07 16.69
CA GLN A 536 -18.65 -19.52 16.05
C GLN A 536 -18.44 -20.67 15.08
N THR A 537 -17.19 -21.04 14.81
CA THR A 537 -16.87 -21.90 13.66
C THR A 537 -17.30 -23.34 13.88
N VAL A 538 -17.11 -23.87 15.09
CA VAL A 538 -17.49 -25.26 15.36
C VAL A 538 -19.01 -25.41 15.32
N PRO A 539 -19.79 -24.51 15.95
CA PRO A 539 -21.24 -24.63 15.77
C PRO A 539 -21.65 -24.50 14.31
N GLN A 540 -20.98 -23.65 13.54
CA GLN A 540 -21.41 -23.41 12.17
C GLN A 540 -21.25 -24.64 11.30
N ASN A 541 -20.39 -25.59 11.69
CA ASN A 541 -20.05 -26.73 10.86
C ASN A 541 -20.39 -28.07 11.50
N THR A 542 -21.08 -28.07 12.64
CA THR A 542 -21.47 -29.34 13.22
C THR A 542 -22.99 -29.45 13.19
N GLY A 543 -23.48 -30.63 13.58
CA GLY A 543 -24.91 -30.88 13.65
C GLY A 543 -25.62 -30.73 12.33
N GLY A 544 -24.98 -31.11 11.23
CA GLY A 544 -25.60 -31.03 9.92
C GLY A 544 -25.66 -29.64 9.30
N LYS A 545 -25.36 -28.57 10.04
CA LYS A 545 -25.47 -27.23 9.50
C LYS A 545 -24.60 -27.03 8.28
N ASN A 546 -23.55 -27.82 8.13
CA ASN A 546 -22.70 -27.82 6.97
C ASN A 546 -22.83 -29.19 6.31
N PRO A 547 -23.41 -29.26 5.10
CA PRO A 547 -23.82 -30.55 4.53
C PRO A 547 -22.73 -31.36 3.86
N ASP A 548 -21.53 -30.80 3.66
CA ASP A 548 -20.48 -31.49 2.92
C ASP A 548 -20.10 -32.80 3.61
N PRO A 549 -19.59 -33.78 2.85
CA PRO A 549 -19.32 -35.11 3.45
C PRO A 549 -18.41 -35.06 4.66
N TRP A 550 -17.42 -34.18 4.68
CA TRP A 550 -16.48 -34.17 5.81
C TRP A 550 -17.12 -33.59 7.07
N ALA A 551 -18.11 -32.71 6.92
CA ALA A 551 -18.70 -32.04 8.08
C ALA A 551 -20.01 -32.66 8.56
N LYS A 552 -20.75 -33.36 7.67
CA LYS A 552 -22.05 -33.94 7.98
C LYS A 552 -22.17 -34.52 9.39
N ASN A 553 -21.30 -35.48 9.72
CA ASN A 553 -21.46 -36.32 10.89
C ASN A 553 -20.72 -35.77 12.11
N LEU A 554 -20.12 -34.59 12.03
CA LEU A 554 -19.37 -34.07 13.16
C LEU A 554 -20.33 -33.58 14.24
N ASN A 555 -19.99 -33.89 15.48
CA ASN A 555 -20.76 -33.43 16.63
C ASN A 555 -19.98 -32.35 17.37
N GLU A 556 -20.68 -31.27 17.69
CA GLU A 556 -20.15 -30.23 18.56
C GLU A 556 -19.43 -30.81 19.78
N LYS A 557 -20.02 -31.82 20.43
CA LYS A 557 -19.44 -32.29 21.69
C LYS A 557 -18.08 -32.96 21.51
N ASP A 558 -17.77 -33.42 20.29
CA ASP A 558 -16.50 -34.05 20.01
C ASP A 558 -15.34 -33.07 19.98
N TYR A 559 -15.59 -31.77 20.13
CA TYR A 559 -14.55 -30.75 20.05
C TYR A 559 -14.57 -29.91 21.30
N GLU A 560 -13.41 -29.39 21.67
CA GLU A 560 -13.23 -28.62 22.89
C GLU A 560 -12.31 -27.44 22.63
N LEU A 561 -12.42 -26.43 23.49
CA LEU A 561 -11.62 -25.21 23.43
C LEU A 561 -10.48 -25.28 24.44
N LEU A 562 -9.26 -25.00 23.98
CA LEU A 562 -8.14 -24.80 24.90
C LEU A 562 -8.23 -23.42 25.53
N CYS A 563 -8.11 -23.37 26.85
CA CYS A 563 -8.16 -22.11 27.57
C CYS A 563 -6.76 -21.61 27.85
N LEU A 564 -6.67 -20.29 28.04
CA LEU A 564 -5.38 -19.69 28.37
C LEU A 564 -4.83 -20.26 29.67
N ASP A 565 -5.68 -20.39 30.70
CA ASP A 565 -5.25 -20.99 31.96
C ASP A 565 -4.90 -22.47 31.85
N GLY A 566 -4.83 -23.07 30.66
CA GLY A 566 -4.53 -24.49 30.54
C GLY A 566 -5.73 -25.40 30.64
N THR A 567 -6.90 -24.89 31.01
CA THR A 567 -8.10 -25.71 31.14
C THR A 567 -8.65 -26.05 29.75
N ARG A 568 -9.84 -26.67 29.75
CA ARG A 568 -10.58 -27.00 28.54
C ARG A 568 -12.05 -26.83 28.84
N LYS A 569 -12.75 -26.07 28.01
CA LYS A 569 -14.20 -25.97 28.09
C LYS A 569 -14.80 -26.38 26.76
N PRO A 570 -16.09 -26.70 26.73
CA PRO A 570 -16.77 -26.98 25.45
C PRO A 570 -16.90 -25.72 24.60
N VAL A 571 -17.23 -25.97 23.34
CA VAL A 571 -17.22 -24.92 22.33
C VAL A 571 -18.18 -23.79 22.70
N GLU A 572 -19.29 -24.11 23.35
CA GLU A 572 -20.27 -23.10 23.72
C GLU A 572 -19.78 -22.16 24.80
N GLU A 573 -18.66 -22.47 25.46
CA GLU A 573 -18.17 -21.69 26.58
C GLU A 573 -17.00 -20.79 26.20
N TYR A 574 -16.96 -20.34 24.95
CA TYR A 574 -15.87 -19.50 24.47
C TYR A 574 -15.64 -18.26 25.34
N ALA A 575 -16.71 -17.70 25.92
CA ALA A 575 -16.61 -16.41 26.61
C ALA A 575 -15.63 -16.45 27.78
N ASN A 576 -15.50 -17.61 28.43
CA ASN A 576 -14.56 -17.82 29.52
C ASN A 576 -13.33 -18.62 29.10
N CYS A 577 -13.22 -18.96 27.83
CA CYS A 577 -12.16 -19.82 27.34
C CYS A 577 -11.85 -19.40 25.89
N HIS A 578 -11.26 -18.23 25.73
CA HIS A 578 -10.81 -17.78 24.43
C HIS A 578 -9.39 -17.26 24.55
N LEU A 579 -8.76 -16.99 23.41
CA LEU A 579 -7.43 -16.39 23.44
C LEU A 579 -7.49 -14.86 23.42
N ALA A 580 -8.34 -14.24 22.61
CA ALA A 580 -8.48 -12.79 22.66
C ALA A 580 -9.74 -12.37 21.91
N ARG A 581 -10.13 -11.11 22.13
CA ARG A 581 -11.10 -10.45 21.29
C ARG A 581 -10.51 -10.18 19.92
N ALA A 582 -11.38 -10.07 18.96
CA ALA A 582 -10.98 -9.97 17.57
C ALA A 582 -11.86 -8.92 16.95
N PRO A 583 -11.30 -7.77 16.56
CA PRO A 583 -12.14 -6.77 15.90
C PRO A 583 -12.87 -7.40 14.73
N ASN A 584 -14.16 -7.10 14.62
CA ASN A 584 -14.96 -7.56 13.49
C ASN A 584 -14.27 -7.27 12.16
N HIS A 585 -14.62 -8.01 11.13
CA HIS A 585 -14.17 -7.70 9.78
C HIS A 585 -14.82 -6.41 9.30
N ALA A 586 -14.09 -5.66 8.47
CA ALA A 586 -14.60 -4.38 7.98
C ALA A 586 -14.30 -4.23 6.49
N VAL A 587 -15.13 -3.41 5.82
CA VAL A 587 -14.84 -3.02 4.45
C VAL A 587 -13.87 -1.82 4.45
N VAL A 588 -12.90 -1.88 3.55
CA VAL A 588 -11.88 -0.85 3.38
C VAL A 588 -11.96 -0.29 1.98
N THR A 589 -11.55 0.98 1.84
CA THR A 589 -11.41 1.59 0.53
C THR A 589 -10.37 2.71 0.60
N ARG A 590 -10.18 3.38 -0.53
CA ARG A 590 -9.43 4.64 -0.56
C ARG A 590 -10.23 5.75 0.12
N LYS A 591 -9.50 6.75 0.63
CA LYS A 591 -10.16 7.92 1.20
C LYS A 591 -11.02 8.66 0.17
N ASP A 592 -10.64 8.61 -1.11
CA ASP A 592 -11.45 9.28 -2.12
C ASP A 592 -12.69 8.49 -2.53
N LYS A 593 -12.84 7.24 -2.09
CA LYS A 593 -14.04 6.49 -2.39
C LYS A 593 -14.86 6.23 -1.13
N GLU A 594 -14.40 6.72 0.02
CA GLU A 594 -15.06 6.43 1.30
C GLU A 594 -16.50 6.87 1.31
N ALA A 595 -16.78 8.08 0.79
CA ALA A 595 -18.14 8.58 0.78
C ALA A 595 -19.04 7.71 -0.10
N CYS A 596 -18.60 7.45 -1.34
CA CYS A 596 -19.45 6.69 -2.25
C CYS A 596 -19.64 5.25 -1.77
N VAL A 597 -18.60 4.64 -1.18
CA VAL A 597 -18.70 3.25 -0.79
C VAL A 597 -19.61 3.10 0.44
N HIS A 598 -19.48 4.01 1.40
CA HIS A 598 -20.36 4.01 2.56
C HIS A 598 -21.81 4.15 2.15
N LYS A 599 -22.09 5.05 1.19
CA LYS A 599 -23.44 5.25 0.70
C LYS A 599 -23.94 4.05 -0.09
N ILE A 600 -23.12 3.53 -1.01
CA ILE A 600 -23.62 2.49 -1.90
C ILE A 600 -23.88 1.20 -1.15
N LEU A 601 -23.01 0.85 -0.18
CA LEU A 601 -23.17 -0.42 0.52
C LEU A 601 -24.39 -0.40 1.43
N ARG A 602 -24.62 0.71 2.14
CA ARG A 602 -25.82 0.79 2.98
C ARG A 602 -27.09 0.66 2.14
N GLN A 603 -27.10 1.23 0.93
CA GLN A 603 -28.21 0.98 0.02
C GLN A 603 -28.30 -0.50 -0.34
N GLN A 604 -27.17 -1.10 -0.70
CA GLN A 604 -27.19 -2.50 -1.17
C GLN A 604 -27.69 -3.44 -0.09
N GLN A 605 -27.28 -3.22 1.16
CA GLN A 605 -27.65 -4.19 2.19
C GLN A 605 -29.10 -4.05 2.62
N HIS A 606 -29.69 -2.87 2.42
CA HIS A 606 -31.14 -2.75 2.55
C HIS A 606 -31.84 -3.64 1.54
N LEU A 607 -31.26 -3.79 0.35
CA LEU A 607 -31.92 -4.53 -0.72
C LEU A 607 -31.67 -6.03 -0.63
N PHE A 608 -30.51 -6.46 -0.09
CA PHE A 608 -30.12 -7.86 -0.12
C PHE A 608 -29.44 -8.33 1.17
N GLY A 609 -29.61 -7.63 2.29
CA GLY A 609 -28.99 -8.02 3.55
C GLY A 609 -29.72 -9.09 4.32
N SER A 610 -29.85 -8.93 5.64
CA SER A 610 -30.59 -9.90 6.44
C SER A 610 -32.08 -9.63 6.48
N ASN A 611 -32.56 -8.62 5.75
CA ASN A 611 -33.99 -8.35 5.59
C ASN A 611 -34.68 -9.36 4.70
N VAL A 612 -33.91 -10.28 4.09
CA VAL A 612 -34.32 -11.07 2.93
C VAL A 612 -34.97 -12.37 3.40
N THR A 613 -36.17 -12.64 2.91
CA THR A 613 -36.81 -13.94 3.12
C THR A 613 -36.51 -14.82 1.93
N ASP A 614 -36.15 -16.08 2.19
CA ASP A 614 -35.75 -17.00 1.13
C ASP A 614 -34.58 -16.47 0.33
N CYS A 615 -33.37 -16.81 0.78
CA CYS A 615 -32.14 -16.63 0.02
C CYS A 615 -32.04 -17.56 -1.18
N SER A 616 -33.03 -18.43 -1.36
CA SER A 616 -33.15 -19.23 -2.58
C SER A 616 -33.77 -18.42 -3.70
N GLY A 617 -34.85 -17.69 -3.42
CA GLY A 617 -35.50 -16.92 -4.46
C GLY A 617 -34.68 -15.72 -4.92
N ASN A 618 -34.12 -14.98 -3.98
CA ASN A 618 -33.48 -13.70 -4.28
C ASN A 618 -31.99 -13.76 -3.95
N PHE A 619 -31.29 -12.67 -4.27
CA PHE A 619 -29.89 -12.52 -3.91
C PHE A 619 -29.75 -12.11 -2.44
N CYS A 620 -28.63 -12.54 -1.84
CA CYS A 620 -28.39 -12.37 -0.41
C CYS A 620 -26.89 -12.11 -0.21
N LEU A 621 -26.52 -10.85 0.02
CA LEU A 621 -25.08 -10.60 0.07
C LEU A 621 -24.39 -11.42 1.17
N PHE A 622 -25.07 -11.62 2.30
CA PHE A 622 -24.45 -12.32 3.43
C PHE A 622 -24.83 -13.79 3.48
N ARG A 623 -25.30 -14.36 2.38
CA ARG A 623 -25.91 -15.68 2.36
C ARG A 623 -24.96 -16.71 2.95
N SER A 624 -25.40 -17.31 4.05
CA SER A 624 -24.63 -18.32 4.80
C SER A 624 -24.40 -19.58 3.97
N GLU A 625 -23.28 -19.64 3.24
CA GLU A 625 -22.82 -20.86 2.60
C GLU A 625 -21.73 -21.42 3.50
N THR A 626 -20.62 -21.96 2.98
CA THR A 626 -19.57 -22.45 3.86
C THR A 626 -18.32 -21.61 3.86
N LYS A 627 -18.10 -20.78 2.84
CA LYS A 627 -16.75 -20.30 2.59
C LYS A 627 -16.55 -18.83 2.91
N ASP A 628 -17.53 -18.17 3.55
CA ASP A 628 -17.42 -16.73 3.86
C ASP A 628 -17.07 -15.92 2.62
N LEU A 629 -17.77 -16.24 1.53
CA LEU A 629 -17.52 -15.56 0.27
C LEU A 629 -17.86 -14.07 0.39
N LEU A 630 -16.84 -13.22 0.20
CA LEU A 630 -16.96 -11.76 0.17
C LEU A 630 -17.13 -11.24 1.58
N PHE A 631 -18.19 -11.69 2.25
CA PHE A 631 -18.43 -11.39 3.66
C PHE A 631 -18.49 -12.71 4.42
N ARG A 632 -18.17 -12.65 5.70
CA ARG A 632 -18.38 -13.79 6.58
C ARG A 632 -19.83 -14.27 6.52
N ASP A 633 -20.02 -15.59 6.51
CA ASP A 633 -21.35 -16.16 6.38
C ASP A 633 -22.27 -15.78 7.52
N ASP A 634 -21.74 -15.41 8.68
CA ASP A 634 -22.55 -14.98 9.81
C ASP A 634 -22.72 -13.45 9.87
N THR A 635 -22.49 -12.75 8.76
CA THR A 635 -22.68 -11.30 8.76
C THR A 635 -24.18 -10.96 8.85
N VAL A 636 -24.55 -10.21 9.90
CA VAL A 636 -25.94 -9.79 10.08
C VAL A 636 -26.23 -8.46 9.36
N CYS A 637 -25.24 -7.58 9.27
CA CYS A 637 -25.35 -6.30 8.57
C CYS A 637 -23.98 -5.66 8.53
N LEU A 638 -23.88 -4.60 7.74
CA LEU A 638 -22.74 -3.69 7.74
C LEU A 638 -23.07 -2.48 8.61
N ALA A 639 -22.19 -2.18 9.57
CA ALA A 639 -22.50 -1.21 10.59
C ALA A 639 -21.68 0.06 10.38
N LYS A 640 -22.24 1.20 10.80
CA LYS A 640 -21.56 2.48 10.65
C LYS A 640 -20.38 2.59 11.63
N LEU A 641 -19.34 3.32 11.23
CA LEU A 641 -18.13 3.37 12.04
C LEU A 641 -17.96 4.65 12.86
N HIS A 642 -18.74 5.69 12.60
CA HIS A 642 -18.72 6.93 13.39
C HIS A 642 -17.28 7.44 13.43
N ASP A 643 -16.73 7.74 14.61
CA ASP A 643 -15.38 8.29 14.72
C ASP A 643 -14.28 7.26 14.51
N ARG A 644 -14.59 5.97 14.61
CA ARG A 644 -13.57 4.92 14.56
C ARG A 644 -13.29 4.53 13.11
N ASN A 645 -12.68 5.48 12.36
CA ASN A 645 -12.58 5.34 10.90
C ASN A 645 -11.13 5.36 10.38
N THR A 646 -10.13 5.22 11.22
CA THR A 646 -8.82 4.77 10.78
C THR A 646 -8.58 3.35 11.30
N TYR A 647 -7.60 2.67 10.72
CA TYR A 647 -7.36 1.30 11.13
C TYR A 647 -6.98 1.25 12.61
N GLU A 648 -6.29 2.28 13.11
CA GLU A 648 -5.93 2.29 14.54
C GLU A 648 -7.18 2.42 15.40
N LYS A 649 -8.05 3.37 15.05
CA LYS A 649 -9.26 3.59 15.83
C LYS A 649 -10.24 2.43 15.70
N TYR A 650 -10.39 1.88 14.49
CA TYR A 650 -11.33 0.78 14.33
C TYR A 650 -10.84 -0.46 15.07
N LEU A 651 -9.55 -0.80 14.97
CA LEU A 651 -9.04 -2.02 15.57
C LEU A 651 -8.81 -1.84 17.07
N GLY A 652 -8.43 -0.66 17.49
CA GLY A 652 -8.21 -0.38 18.90
C GLY A 652 -6.78 -0.62 19.31
N GLU A 653 -6.36 0.10 20.37
CA GLU A 653 -4.97 0.05 20.79
C GLU A 653 -4.57 -1.38 21.10
N GLU A 654 -5.48 -2.12 21.72
CA GLU A 654 -5.28 -3.50 22.12
C GLU A 654 -4.77 -4.36 20.96
N TYR A 655 -5.62 -4.55 19.97
CA TYR A 655 -5.24 -5.35 18.82
C TYR A 655 -4.04 -4.77 18.08
N VAL A 656 -3.90 -3.44 18.06
CA VAL A 656 -2.84 -2.85 17.25
C VAL A 656 -1.48 -3.14 17.87
N LYS A 657 -1.35 -3.01 19.20
CA LYS A 657 -0.11 -3.42 19.84
C LYS A 657 0.10 -4.93 19.73
N ALA A 658 -0.99 -5.71 19.71
CA ALA A 658 -0.88 -7.14 19.46
C ALA A 658 -0.22 -7.42 18.11
N VAL A 659 -0.81 -6.88 17.03
CA VAL A 659 -0.23 -7.07 15.69
C VAL A 659 1.17 -6.49 15.64
N GLY A 660 1.35 -5.31 16.25
CA GLY A 660 2.66 -4.69 16.28
C GLY A 660 3.74 -5.58 16.90
N ASN A 661 3.41 -6.23 18.03
CA ASN A 661 4.37 -7.13 18.66
C ASN A 661 4.84 -8.23 17.71
N LEU A 662 4.04 -8.60 16.72
CA LEU A 662 4.44 -9.61 15.76
C LEU A 662 5.27 -9.07 14.62
N ARG A 663 5.54 -7.76 14.58
CA ARG A 663 6.14 -7.13 13.41
C ARG A 663 7.40 -7.86 12.93
N LYS A 664 8.26 -8.26 13.88
CA LYS A 664 9.53 -8.89 13.51
C LYS A 664 9.34 -10.20 12.74
N CYS A 665 8.22 -10.88 12.93
CA CYS A 665 7.97 -12.16 12.27
C CYS A 665 7.23 -12.02 10.95
N SER A 666 6.71 -10.84 10.66
CA SER A 666 5.86 -10.65 9.49
C SER A 666 6.54 -11.17 8.23
N THR A 667 5.79 -11.93 7.44
CA THR A 667 6.25 -12.31 6.12
C THR A 667 5.50 -11.59 5.00
N SER A 668 4.49 -10.77 5.34
CA SER A 668 3.70 -10.02 4.37
C SER A 668 4.54 -9.09 3.48
N SER A 669 4.66 -9.45 2.20
CA SER A 669 5.41 -8.61 1.26
C SER A 669 4.74 -7.26 1.05
N LEU A 670 3.42 -7.22 1.09
CA LEU A 670 2.70 -5.97 0.93
C LEU A 670 2.93 -5.05 2.12
N LEU A 671 2.97 -5.61 3.33
CA LEU A 671 3.23 -4.78 4.50
C LEU A 671 4.61 -4.15 4.40
N GLU A 672 5.59 -4.92 3.94
CA GLU A 672 6.96 -4.40 3.83
C GLU A 672 7.03 -3.29 2.79
N ALA A 673 6.26 -3.44 1.71
CA ALA A 673 6.19 -2.41 0.69
C ALA A 673 5.54 -1.13 1.22
N CYS A 674 4.40 -1.25 1.91
CA CYS A 674 3.72 -0.03 2.35
C CYS A 674 4.49 0.67 3.47
N THR A 675 5.07 -0.10 4.40
CA THR A 675 5.84 0.55 5.45
C THR A 675 7.12 1.18 4.92
N PHE A 676 7.62 0.71 3.77
CA PHE A 676 8.72 1.41 3.11
C PHE A 676 8.28 2.78 2.61
N ARG A 677 7.07 2.87 2.07
CA ARG A 677 6.60 4.19 1.62
C ARG A 677 6.13 5.07 2.77
N ARG A 678 5.88 4.50 3.95
CA ARG A 678 5.51 5.30 5.12
C ARG A 678 5.89 4.54 6.39
N PRO A 679 7.13 4.71 6.85
CA PRO A 679 7.56 4.04 8.07
C PRO A 679 7.37 4.91 9.31
FE FE B . 12.62 19.51 -9.31
FE FE C . -11.24 -13.00 11.17
C CO3 D . -9.59 -14.79 11.22
O1 CO3 D . -8.64 -15.59 11.55
O2 CO3 D . -10.00 -14.77 9.97
O3 CO3 D . -10.14 -14.00 12.13
P1 POP E . 12.14 16.06 -9.27
O1 POP E . 13.49 15.38 -9.43
O2 POP E . 11.12 15.07 -8.74
O3 POP E . 12.28 17.19 -8.28
O POP E . 11.57 16.58 -10.69
P2 POP E . 11.85 18.06 -11.27
O4 POP E . 13.30 18.43 -11.02
O5 POP E . 11.59 18.06 -12.75
O6 POP E . 10.95 19.06 -10.57
#